data_9N68
#
_entry.id   9N68
#
_cell.length_a   61.575
_cell.length_b   104.895
_cell.length_c   106.742
_cell.angle_alpha   90.000
_cell.angle_beta   90.000
_cell.angle_gamma   90.000
#
_symmetry.space_group_name_H-M   'P 21 21 21'
#
loop_
_entity.id
_entity.type
_entity.pdbx_description
1 polymer 'Dihydroorotate dehydrogenase'
2 non-polymer 'FLAVIN MONONUCLEOTIDE'
3 non-polymer GLYCEROL
4 non-polymer 5-[(3-hydroxyphenyl)methyl]-1,3-diazinane-2,4,6-trione
5 water water
#
_entity_poly.entity_id   1
_entity_poly.type   'polypeptide(L)'
_entity_poly.pdbx_seq_one_letter_code
;MGSSHHHHHHSSGLVPRGSHMASMTGGGQMGRGSMSLQVGILGNTFANPFMNAAGVMCSTEEELAAMTESTSGSLITKSC
TPALREGNPAPRYYTLPLGSINSMGLPNKGFDFYLAYSARHHDYSRKPLFISISGFSAEENAEMCKRLAPVAAEKGVILE
LNLSCPNVPGKPQVAYDFDAMRRYLAAISEAYPHPFGVKMPPYFDFAHFDAAAEILNQFPKVQFITCINSIGNGLVIDVE
TESVVIKPKQGFGGLGGRYVFPTALANVNAFYRRCPGKLIFGCGGVYTGEDAFLHVLAGASMVQVGTALHEEGAAIFERL
TAELLDVMAKKGYKALDEFRGKVKAMD
;
_entity_poly.pdbx_strand_id   A,B
#
loop_
_chem_comp.id
_chem_comp.type
_chem_comp.name
_chem_comp.formula
A1BWJ non-polymer 5-[(3-hydroxyphenyl)methyl]-1,3-diazinane-2,4,6-trione 'C11 H10 N2 O4'
FMN non-polymer 'FLAVIN MONONUCLEOTIDE' 'C17 H21 N4 O9 P'
GOL non-polymer GLYCEROL 'C3 H8 O3'
#
# COMPACT_ATOMS: atom_id res chain seq x y z
N SER A 34 -19.05 -8.27 34.10
CA SER A 34 -17.82 -9.04 34.02
C SER A 34 -16.91 -8.38 32.98
N MET A 35 -17.19 -8.70 31.73
CA MET A 35 -16.51 -8.13 30.58
C MET A 35 -17.35 -7.03 29.95
N SER A 36 -16.68 -6.08 29.32
CA SER A 36 -17.35 -5.00 28.65
C SER A 36 -16.56 -4.56 27.41
N LEU A 37 -17.28 -4.24 26.34
CA LEU A 37 -16.69 -3.54 25.21
C LEU A 37 -16.85 -2.02 25.26
N GLN A 38 -17.26 -1.47 26.39
CA GLN A 38 -17.50 -0.04 26.45
C GLN A 38 -16.22 0.73 26.19
N VAL A 39 -16.39 1.91 25.61
CA VAL A 39 -15.30 2.82 25.35
C VAL A 39 -15.74 4.19 25.80
N GLY A 40 -14.99 4.78 26.69
CA GLY A 40 -15.45 6.01 27.30
C GLY A 40 -14.60 7.09 26.72
N ILE A 41 -15.07 7.77 25.66
CA ILE A 41 -14.29 8.83 25.02
C ILE A 41 -15.11 10.02 24.55
N LEU A 42 -14.37 11.13 24.35
CA LEU A 42 -14.94 12.39 23.92
C LEU A 42 -16.11 12.76 24.81
N GLY A 43 -16.03 12.34 26.07
CA GLY A 43 -17.10 12.62 27.02
C GLY A 43 -18.34 11.74 26.93
N ASN A 44 -18.28 10.64 26.17
CA ASN A 44 -19.42 9.79 25.94
C ASN A 44 -19.01 8.37 26.34
N THR A 45 -19.95 7.58 26.79
CA THR A 45 -19.76 6.15 26.90
C THR A 45 -20.33 5.46 25.65
N PHE A 46 -19.46 4.92 24.81
CA PHE A 46 -19.89 4.11 23.66
C PHE A 46 -20.08 2.66 24.10
N ALA A 47 -21.17 2.03 23.65
CA ALA A 47 -21.46 0.68 24.11
C ALA A 47 -20.41 -0.33 23.65
N ASN A 48 -19.80 -0.10 22.50
CA ASN A 48 -18.74 -0.94 21.97
C ASN A 48 -17.98 -0.09 20.97
N PRO A 49 -16.81 -0.55 20.50
CA PRO A 49 -15.98 0.33 19.67
C PRO A 49 -16.41 0.41 18.20
N PHE A 50 -17.43 -0.34 17.80
CA PHE A 50 -17.68 -0.51 16.39
C PHE A 50 -18.58 0.57 15.81
N MET A 51 -18.26 0.95 14.57
CA MET A 51 -19.08 1.86 13.78
C MET A 51 -18.79 1.59 12.32
N ASN A 52 -19.63 2.13 11.46
CA ASN A 52 -19.31 2.12 10.04
C ASN A 52 -18.16 3.07 9.73
N ALA A 53 -17.46 2.75 8.65
CA ALA A 53 -16.52 3.67 8.06
C ALA A 53 -17.29 4.70 7.24
N ALA A 54 -16.77 5.92 7.21
CA ALA A 54 -17.43 6.96 6.44
C ALA A 54 -17.60 6.50 5.00
N GLY A 55 -18.77 6.80 4.42
CA GLY A 55 -19.04 6.44 3.05
C GLY A 55 -19.73 5.11 2.83
N VAL A 56 -19.77 4.26 3.85
CA VAL A 56 -20.39 2.94 3.79
C VAL A 56 -21.66 2.98 4.63
N MET A 57 -22.80 2.72 3.98
CA MET A 57 -24.10 2.55 4.62
C MET A 57 -24.53 3.79 5.42
N CYS A 58 -24.35 4.95 4.81
CA CYS A 58 -24.60 6.16 5.59
C CYS A 58 -24.96 7.34 4.70
N SER A 59 -25.49 7.09 3.51
CA SER A 59 -25.83 8.15 2.58
C SER A 59 -27.30 8.52 2.60
N THR A 60 -28.21 7.55 2.72
CA THR A 60 -29.65 7.80 2.70
C THR A 60 -30.27 7.73 4.11
N GLU A 61 -31.45 8.35 4.25
CA GLU A 61 -32.20 8.25 5.50
C GLU A 61 -32.38 6.80 5.94
N GLU A 62 -32.70 5.91 4.98
CA GLU A 62 -32.89 4.50 5.31
C GLU A 62 -31.59 3.88 5.83
N GLU A 63 -30.47 4.23 5.21
CA GLU A 63 -29.20 3.64 5.65
C GLU A 63 -28.81 4.15 7.02
N LEU A 64 -28.98 5.45 7.27
CA LEU A 64 -28.68 5.99 8.58
C LEU A 64 -29.57 5.37 9.65
N ALA A 65 -30.86 5.16 9.31
CA ALA A 65 -31.76 4.49 10.24
C ALA A 65 -31.30 3.05 10.52
N ALA A 66 -30.90 2.31 9.48
CA ALA A 66 -30.41 0.95 9.72
C ALA A 66 -29.18 0.95 10.63
N MET A 67 -28.24 1.87 10.39
CA MET A 67 -27.07 1.95 11.27
C MET A 67 -27.47 2.30 12.70
N THR A 68 -28.44 3.20 12.85
CA THR A 68 -28.89 3.57 14.19
C THR A 68 -29.56 2.41 14.90
N GLU A 69 -30.33 1.61 14.15
CA GLU A 69 -31.04 0.47 14.75
C GLU A 69 -30.13 -0.70 15.04
N SER A 70 -28.94 -0.73 14.43
CA SER A 70 -28.00 -1.82 14.62
C SER A 70 -27.38 -1.76 16.01
N THR A 71 -26.57 -2.78 16.31
CA THR A 71 -25.86 -2.88 17.58
C THR A 71 -24.53 -2.14 17.57
N SER A 72 -24.20 -1.44 16.49
CA SER A 72 -22.95 -0.69 16.49
C SER A 72 -22.91 0.30 17.65
N GLY A 73 -21.69 0.54 18.13
CA GLY A 73 -21.48 1.58 19.14
C GLY A 73 -21.72 2.99 18.66
N SER A 74 -21.46 3.27 17.40
CA SER A 74 -21.71 4.58 16.84
C SER A 74 -21.93 4.46 15.33
N LEU A 75 -21.99 5.61 14.66
CA LEU A 75 -22.18 5.68 13.22
C LEU A 75 -21.62 7.02 12.76
N ILE A 76 -21.30 7.11 11.48
CA ILE A 76 -20.80 8.34 10.88
C ILE A 76 -21.50 8.54 9.54
N THR A 77 -21.69 9.79 9.16
CA THR A 77 -22.28 10.07 7.87
C THR A 77 -21.28 9.97 6.71
N LYS A 78 -21.82 10.04 5.49
CA LYS A 78 -21.03 10.21 4.28
C LYS A 78 -20.31 11.56 4.32
N SER A 79 -19.06 11.56 3.85
CA SER A 79 -18.34 12.82 3.73
C SER A 79 -19.13 13.75 2.82
N CYS A 80 -19.45 14.93 3.31
CA CYS A 80 -20.31 15.84 2.56
C CYS A 80 -19.53 17.08 2.11
N THR A 81 -20.07 17.70 1.06
CA THR A 81 -19.55 18.90 0.42
C THR A 81 -20.63 19.98 0.48
N PRO A 82 -20.25 21.25 0.30
CA PRO A 82 -21.21 22.34 0.57
C PRO A 82 -22.59 22.14 -0.05
N ALA A 83 -22.65 21.73 -1.31
CA ALA A 83 -23.92 21.49 -1.98
C ALA A 83 -24.05 20.03 -2.41
N ARG A 92 -18.78 2.72 -9.82
CA ARG A 92 -18.26 3.52 -8.71
C ARG A 92 -17.70 2.66 -7.56
N TYR A 93 -18.28 1.48 -7.36
CA TYR A 93 -17.82 0.52 -6.37
C TYR A 93 -17.74 -0.84 -7.06
N TYR A 94 -16.77 -1.65 -6.64
CA TYR A 94 -16.64 -2.97 -7.23
C TYR A 94 -16.05 -3.92 -6.20
N THR A 95 -16.75 -5.03 -6.01
CA THR A 95 -16.29 -6.09 -5.12
C THR A 95 -15.14 -6.85 -5.77
N LEU A 96 -14.07 -7.04 -5.01
CA LEU A 96 -12.91 -7.78 -5.43
C LEU A 96 -12.77 -9.05 -4.61
N PRO A 97 -11.96 -10.00 -5.11
CA PRO A 97 -11.77 -11.24 -4.34
C PRO A 97 -11.43 -10.98 -2.90
N LEU A 98 -10.60 -9.95 -2.64
CA LEU A 98 -10.03 -9.72 -1.32
C LEU A 98 -10.43 -8.36 -0.77
N GLY A 99 -11.45 -7.73 -1.33
CA GLY A 99 -11.84 -6.45 -0.78
C GLY A 99 -12.67 -5.62 -1.73
N SER A 100 -12.26 -4.39 -1.93
CA SER A 100 -13.05 -3.49 -2.76
C SER A 100 -12.19 -2.41 -3.40
N ILE A 101 -12.71 -1.86 -4.49
CA ILE A 101 -12.16 -0.65 -5.10
C ILE A 101 -13.30 0.30 -5.40
N ASN A 102 -13.08 1.61 -5.19
CA ASN A 102 -14.16 2.60 -5.36
C ASN A 102 -13.64 3.88 -5.97
N SER A 103 -14.52 4.57 -6.73
CA SER A 103 -14.20 5.89 -7.26
C SER A 103 -15.30 6.89 -6.94
N MET A 104 -16.19 6.55 -6.01
CA MET A 104 -17.33 7.41 -5.66
C MET A 104 -16.96 8.89 -5.70
N ASN A 108 -22.89 12.94 -2.41
CA ASN A 108 -23.53 13.24 -1.14
C ASN A 108 -24.77 14.11 -1.32
N LYS A 109 -25.69 14.04 -0.36
CA LYS A 109 -26.89 14.87 -0.36
C LYS A 109 -26.59 16.32 0.04
N GLY A 110 -25.32 16.66 0.25
CA GLY A 110 -24.94 18.00 0.65
C GLY A 110 -24.88 18.18 2.15
N PHE A 111 -24.09 19.16 2.57
CA PHE A 111 -23.93 19.44 3.99
C PHE A 111 -25.27 19.78 4.64
N ASP A 112 -26.15 20.49 3.93
CA ASP A 112 -27.46 20.82 4.50
C ASP A 112 -28.20 19.57 4.95
N PHE A 113 -28.19 18.52 4.11
CA PHE A 113 -28.94 17.30 4.45
C PHE A 113 -28.40 16.65 5.72
N TYR A 114 -27.08 16.47 5.79
CA TYR A 114 -26.50 15.76 6.92
C TYR A 114 -26.49 16.61 8.18
N LEU A 115 -26.50 17.94 8.01
CA LEU A 115 -26.67 18.80 9.18
C LEU A 115 -28.09 18.68 9.72
N ALA A 116 -29.09 18.73 8.84
CA ALA A 116 -30.47 18.59 9.30
C ALA A 116 -30.70 17.22 9.93
N TYR A 117 -30.04 16.17 9.40
CA TYR A 117 -30.14 14.86 10.03
C TYR A 117 -29.55 14.90 11.44
N SER A 118 -28.38 15.51 11.57
CA SER A 118 -27.75 15.64 12.87
C SER A 118 -28.57 16.54 13.79
N ALA A 119 -29.29 17.51 13.22
CA ALA A 119 -29.99 18.51 14.03
C ALA A 119 -31.33 18.02 14.53
N ARG A 120 -32.07 17.25 13.73
CA ARG A 120 -33.47 16.94 14.06
C ARG A 120 -33.86 15.48 13.92
N HIS A 121 -33.11 14.67 13.18
CA HIS A 121 -33.58 13.34 12.80
C HIS A 121 -32.82 12.22 13.48
N HIS A 122 -31.59 12.43 13.92
CA HIS A 122 -30.88 11.37 14.60
C HIS A 122 -31.36 11.25 16.04
N ASP A 123 -31.62 10.01 16.47
CA ASP A 123 -31.99 9.71 17.85
C ASP A 123 -30.71 9.51 18.67
N TYR A 124 -30.31 10.54 19.40
CA TYR A 124 -29.09 10.45 20.21
C TYR A 124 -29.24 9.54 21.41
N SER A 125 -30.47 9.14 21.79
CA SER A 125 -30.62 8.16 22.86
C SER A 125 -30.18 6.77 22.44
N ARG A 126 -30.01 6.51 21.14
CA ARG A 126 -29.55 5.20 20.69
C ARG A 126 -28.04 5.10 20.77
N LYS A 127 -27.34 6.09 20.24
CA LYS A 127 -25.88 6.09 20.21
C LYS A 127 -25.40 7.45 19.70
N PRO A 128 -24.14 7.80 19.95
CA PRO A 128 -23.59 9.06 19.42
C PRO A 128 -23.40 9.02 17.91
N LEU A 129 -23.31 10.23 17.34
CA LEU A 129 -23.20 10.45 15.89
C LEU A 129 -21.95 11.23 15.51
N PHE A 130 -21.27 10.77 14.47
CA PHE A 130 -20.22 11.56 13.83
C PHE A 130 -20.68 12.04 12.47
N ILE A 131 -20.17 13.18 12.04
CA ILE A 131 -20.40 13.71 10.71
C ILE A 131 -19.05 13.92 10.05
N SER A 132 -18.92 13.45 8.82
CA SER A 132 -17.70 13.60 8.04
C SER A 132 -17.88 14.73 7.05
N ILE A 133 -16.89 15.62 6.96
CA ILE A 133 -16.92 16.67 5.95
C ILE A 133 -15.64 16.61 5.12
N SER A 134 -15.76 16.89 3.84
CA SER A 134 -14.64 16.84 2.93
C SER A 134 -14.86 17.94 1.90
N GLY A 135 -14.81 19.19 2.36
CA GLY A 135 -14.82 20.31 1.44
C GLY A 135 -13.62 20.29 0.51
N PHE A 136 -13.74 21.06 -0.56
CA PHE A 136 -12.72 21.15 -1.59
C PHE A 136 -11.68 22.22 -1.30
N SER A 137 -11.83 22.96 -0.21
CA SER A 137 -10.84 23.95 0.17
C SER A 137 -10.90 24.11 1.67
N ALA A 138 -9.83 24.67 2.22
CA ALA A 138 -9.83 25.04 3.63
C ALA A 138 -11.04 25.90 3.95
N GLU A 139 -11.33 26.87 3.07
CA GLU A 139 -12.42 27.81 3.30
C GLU A 139 -13.79 27.11 3.25
N GLU A 140 -13.99 26.26 2.24
CA GLU A 140 -15.24 25.51 2.17
C GLU A 140 -15.47 24.70 3.43
N ASN A 141 -14.43 24.01 3.91
CA ASN A 141 -14.56 23.28 5.16
C ASN A 141 -14.88 24.22 6.31
N ALA A 142 -14.25 25.39 6.34
CA ALA A 142 -14.45 26.32 7.45
C ALA A 142 -15.87 26.87 7.48
N GLU A 143 -16.40 27.25 6.30
CA GLU A 143 -17.77 27.75 6.27
C GLU A 143 -18.73 26.68 6.78
N MET A 144 -18.47 25.42 6.44
CA MET A 144 -19.29 24.33 6.94
C MET A 144 -19.18 24.21 8.45
N CYS A 145 -17.96 24.26 8.98
CA CYS A 145 -17.78 24.10 10.43
C CYS A 145 -18.51 25.18 11.21
N LYS A 146 -18.49 26.41 10.71
CA LYS A 146 -19.21 27.50 11.37
C LYS A 146 -20.71 27.19 11.45
N ARG A 147 -21.28 26.61 10.41
CA ARG A 147 -22.69 26.24 10.44
C ARG A 147 -22.94 24.97 11.25
N LEU A 148 -21.95 24.09 11.33
CA LEU A 148 -22.11 22.87 12.12
C LEU A 148 -22.05 23.16 13.61
N ALA A 149 -21.37 24.25 14.00
CA ALA A 149 -21.04 24.45 15.41
C ALA A 149 -22.26 24.54 16.33
N PRO A 150 -23.29 25.33 16.02
CA PRO A 150 -24.47 25.35 16.93
C PRO A 150 -25.15 23.98 17.05
N VAL A 151 -25.07 23.15 16.01
CA VAL A 151 -25.67 21.82 16.10
C VAL A 151 -24.81 20.90 16.97
N ALA A 152 -23.49 20.92 16.77
CA ALA A 152 -22.61 20.16 17.65
C ALA A 152 -22.82 20.56 19.11
N ALA A 153 -22.99 21.86 19.37
CA ALA A 153 -23.10 22.33 20.74
C ALA A 153 -24.40 21.87 21.37
N GLU A 154 -25.47 21.80 20.60
CA GLU A 154 -26.80 21.50 21.14
C GLU A 154 -27.10 20.01 21.16
N LYS A 155 -26.69 19.27 20.13
CA LYS A 155 -27.01 17.86 20.03
C LYS A 155 -25.84 16.93 20.32
N GLY A 156 -24.60 17.38 20.16
CA GLY A 156 -23.46 16.54 20.45
C GLY A 156 -22.81 15.83 19.28
N VAL A 157 -23.28 16.07 18.05
CA VAL A 157 -22.64 15.44 16.89
C VAL A 157 -21.16 15.81 16.87
N ILE A 158 -20.31 14.87 16.42
CA ILE A 158 -18.86 15.03 16.43
C ILE A 158 -18.31 15.04 15.01
N LEU A 159 -17.47 16.03 14.72
CA LEU A 159 -16.87 16.19 13.39
C LEU A 159 -15.63 15.31 13.17
N GLU A 160 -15.61 14.60 12.03
CA GLU A 160 -14.42 13.95 11.49
C GLU A 160 -14.10 14.65 10.17
N LEU A 161 -12.94 15.29 10.08
CA LEU A 161 -12.52 16.04 8.90
C LEU A 161 -11.72 15.13 7.97
N ASN A 162 -12.19 14.98 6.74
CA ASN A 162 -11.58 14.04 5.80
C ASN A 162 -10.45 14.74 5.06
N LEU A 163 -9.21 14.36 5.38
CA LEU A 163 -8.04 14.90 4.69
C LEU A 163 -7.42 13.89 3.73
N SER A 164 -8.19 12.90 3.27
CA SER A 164 -7.55 11.78 2.59
C SER A 164 -8.32 11.11 1.47
N CYS A 165 -9.33 11.79 0.96
CA CYS A 165 -10.02 11.19 -0.16
C CYS A 165 -9.22 11.11 -1.47
N PRO A 166 -9.17 9.98 -2.18
CA PRO A 166 -8.02 9.62 -3.02
C PRO A 166 -8.65 9.82 -4.43
N ASN A 167 -9.94 10.24 -4.50
CA ASN A 167 -10.74 10.27 -5.73
C ASN A 167 -11.20 11.66 -6.15
N VAL A 168 -10.56 12.71 -5.66
CA VAL A 168 -10.97 14.09 -5.96
C VAL A 168 -10.29 14.48 -7.27
N PRO A 169 -11.05 14.76 -8.34
CA PRO A 169 -10.42 15.07 -9.62
C PRO A 169 -9.35 16.15 -9.53
N GLY A 170 -8.13 15.81 -9.93
CA GLY A 170 -7.04 16.76 -10.00
C GLY A 170 -6.46 17.21 -8.67
N LYS A 171 -6.83 16.58 -7.56
CA LYS A 171 -6.45 17.07 -6.24
C LYS A 171 -6.04 15.91 -5.34
N PRO A 172 -4.74 15.66 -5.18
CA PRO A 172 -4.30 14.53 -4.35
C PRO A 172 -4.76 14.66 -2.89
N GLN A 173 -4.72 13.53 -2.18
CA GLN A 173 -5.02 13.49 -0.76
C GLN A 173 -4.38 14.69 -0.05
N VAL A 174 -5.19 15.46 0.68
CA VAL A 174 -4.69 16.68 1.30
C VAL A 174 -3.51 16.37 2.22
N ALA A 175 -3.60 15.30 2.99
CA ALA A 175 -2.58 14.97 3.97
C ALA A 175 -1.32 14.38 3.36
N TYR A 176 -1.24 14.30 2.02
CA TYR A 176 0.04 14.01 1.38
C TYR A 176 0.84 15.28 1.05
N ASP A 177 0.34 16.44 1.49
CA ASP A 177 0.96 17.75 1.31
C ASP A 177 0.97 18.41 2.69
N PHE A 178 2.10 18.34 3.38
CA PHE A 178 2.07 18.70 4.79
C PHE A 178 1.80 20.19 4.99
N ASP A 179 2.23 21.02 4.06
CA ASP A 179 1.90 22.45 4.18
C ASP A 179 0.40 22.70 4.06
N ALA A 180 -0.25 22.04 3.11
CA ALA A 180 -1.71 22.14 2.98
C ALA A 180 -2.42 21.57 4.21
N MET A 181 -1.93 20.44 4.73
CA MET A 181 -2.55 19.86 5.92
C MET A 181 -2.54 20.86 7.07
N ARG A 182 -1.42 21.53 7.27
CA ARG A 182 -1.33 22.47 8.37
C ARG A 182 -2.28 23.66 8.17
N ARG A 183 -2.40 24.14 6.93
CA ARG A 183 -3.32 25.26 6.70
C ARG A 183 -4.77 24.84 6.95
N TYR A 184 -5.15 23.63 6.52
CA TYR A 184 -6.52 23.17 6.76
C TYR A 184 -6.80 23.13 8.25
N LEU A 185 -5.88 22.55 9.02
CA LEU A 185 -6.13 22.40 10.45
C LEU A 185 -6.15 23.74 11.16
N ALA A 186 -5.30 24.67 10.76
CA ALA A 186 -5.35 26.01 11.35
C ALA A 186 -6.67 26.69 11.00
N ALA A 187 -7.12 26.58 9.75
CA ALA A 187 -8.37 27.21 9.37
C ALA A 187 -9.56 26.65 10.15
N ILE A 188 -9.60 25.32 10.32
CA ILE A 188 -10.70 24.71 11.06
C ILE A 188 -10.63 25.09 12.53
N SER A 189 -9.43 25.05 13.11
CA SER A 189 -9.31 25.35 14.54
C SER A 189 -9.77 26.75 14.84
N GLU A 190 -9.57 27.68 13.89
CA GLU A 190 -10.02 29.05 14.12
C GLU A 190 -11.51 29.19 13.91
N ALA A 191 -12.10 28.45 12.98
CA ALA A 191 -13.49 28.62 12.65
C ALA A 191 -14.42 27.80 13.53
N TYR A 192 -13.93 26.72 14.13
CA TYR A 192 -14.77 25.72 14.78
C TYR A 192 -14.41 25.64 16.25
N PRO A 193 -15.30 26.03 17.17
CA PRO A 193 -14.90 26.12 18.58
C PRO A 193 -14.82 24.78 19.29
N HIS A 194 -15.13 23.67 18.59
CA HIS A 194 -15.31 22.41 19.25
C HIS A 194 -14.19 21.45 18.87
N PRO A 195 -13.99 20.41 19.65
CA PRO A 195 -13.07 19.34 19.25
C PRO A 195 -13.52 18.66 17.97
N PHE A 196 -12.53 18.13 17.23
CA PHE A 196 -12.82 17.37 16.04
C PHE A 196 -11.74 16.31 15.85
N GLY A 197 -11.93 15.49 14.84
CA GLY A 197 -10.94 14.50 14.48
C GLY A 197 -10.61 14.62 13.00
N VAL A 198 -9.59 13.86 12.61
CA VAL A 198 -9.11 13.88 11.22
C VAL A 198 -9.00 12.46 10.68
N LYS A 199 -9.52 12.25 9.46
CA LYS A 199 -9.37 10.98 8.74
C LYS A 199 -8.11 11.07 7.87
N MET A 200 -7.17 10.23 8.15
CA MET A 200 -5.86 10.29 7.51
C MET A 200 -5.70 9.23 6.42
N PRO A 201 -4.92 9.58 5.39
CA PRO A 201 -4.52 8.57 4.40
C PRO A 201 -3.42 7.71 4.98
N PRO A 202 -3.17 6.54 4.42
CA PRO A 202 -2.03 5.76 4.87
C PRO A 202 -0.71 6.40 4.48
N TYR A 203 0.27 6.24 5.36
CA TYR A 203 1.66 6.53 5.05
C TYR A 203 2.49 5.26 5.09
N PHE A 204 3.68 5.31 4.46
CA PHE A 204 4.48 4.13 4.19
C PHE A 204 5.95 4.27 4.59
N ASP A 205 6.28 5.30 5.36
CA ASP A 205 7.64 5.44 5.87
C ASP A 205 7.60 6.29 7.12
N PHE A 206 8.61 6.08 7.98
CA PHE A 206 8.62 6.72 9.29
C PHE A 206 8.84 8.23 9.16
N ALA A 207 9.51 8.69 8.11
CA ALA A 207 9.70 10.13 7.96
C ALA A 207 8.37 10.83 7.77
N HIS A 208 7.44 10.17 7.05
CA HIS A 208 6.11 10.72 6.88
C HIS A 208 5.25 10.57 8.14
N PHE A 209 5.36 9.44 8.84
CA PHE A 209 4.66 9.33 10.13
C PHE A 209 5.11 10.46 11.05
N ASP A 210 6.42 10.70 11.11
CA ASP A 210 6.96 11.74 12.01
C ASP A 210 6.46 13.13 11.62
N ALA A 211 6.48 13.43 10.33
CA ALA A 211 6.09 14.77 9.89
C ALA A 211 4.60 15.00 10.14
N ALA A 212 3.76 14.00 9.84
CA ALA A 212 2.32 14.16 10.06
C ALA A 212 2.01 14.33 11.53
N ALA A 213 2.64 13.53 12.37
CA ALA A 213 2.35 13.62 13.80
C ALA A 213 2.82 14.96 14.36
N GLU A 214 3.97 15.45 13.90
CA GLU A 214 4.48 16.73 14.39
C GLU A 214 3.48 17.85 14.11
N ILE A 215 2.82 17.79 12.96
CA ILE A 215 1.78 18.77 12.63
C ILE A 215 0.53 18.55 13.49
N LEU A 216 0.03 17.32 13.56
CA LEU A 216 -1.20 17.09 14.32
C LEU A 216 -1.04 17.49 15.81
N ASN A 217 0.12 17.23 16.39
CA ASN A 217 0.35 17.56 17.80
C ASN A 217 0.40 19.06 18.07
N GLN A 218 0.40 19.90 17.04
CA GLN A 218 0.35 21.35 17.28
C GLN A 218 -1.09 21.85 17.42
N PHE A 219 -2.09 20.96 17.25
CA PHE A 219 -3.49 21.33 17.18
C PHE A 219 -4.25 20.61 18.28
N PRO A 220 -4.39 21.22 19.44
CA PRO A 220 -5.09 20.52 20.54
C PRO A 220 -6.55 20.24 20.28
N LYS A 221 -7.21 20.95 19.35
CA LYS A 221 -8.61 20.62 19.06
C LYS A 221 -8.75 19.30 18.32
N VAL A 222 -7.68 18.81 17.71
CA VAL A 222 -7.73 17.49 17.05
C VAL A 222 -7.64 16.44 18.15
N GLN A 223 -8.76 15.92 18.60
CA GLN A 223 -8.76 14.96 19.70
C GLN A 223 -8.75 13.52 19.23
N PHE A 224 -8.96 13.26 17.94
CA PHE A 224 -8.84 11.90 17.44
C PHE A 224 -8.29 11.93 16.01
N ILE A 225 -7.63 10.83 15.65
CA ILE A 225 -7.08 10.58 14.32
C ILE A 225 -7.61 9.23 13.86
N THR A 226 -8.22 9.18 12.66
CA THR A 226 -8.76 7.93 12.09
C THR A 226 -7.78 7.45 11.03
N CYS A 227 -7.21 6.28 11.27
CA CYS A 227 -6.24 5.64 10.36
C CYS A 227 -6.89 4.31 9.98
N ILE A 228 -7.24 4.08 8.71
CA ILE A 228 -6.89 4.84 7.54
C ILE A 228 -8.07 4.97 6.58
N ASN A 229 -7.98 5.94 5.67
CA ASN A 229 -8.77 5.94 4.46
C ASN A 229 -8.22 4.86 3.53
N SER A 230 -8.86 4.72 2.39
CA SER A 230 -8.46 3.68 1.45
C SER A 230 -7.03 3.91 0.94
N ILE A 231 -6.39 2.83 0.52
CA ILE A 231 -5.10 2.93 -0.17
C ILE A 231 -5.36 3.48 -1.57
N GLY A 232 -4.87 4.68 -1.83
CA GLY A 232 -5.33 5.40 -3.01
C GLY A 232 -4.79 4.84 -4.32
N ASN A 233 -5.60 5.01 -5.37
CA ASN A 233 -5.17 4.84 -6.76
C ASN A 233 -4.56 3.47 -7.05
N GLY A 234 -5.23 2.46 -6.57
CA GLY A 234 -5.02 1.12 -7.07
C GLY A 234 -5.73 0.97 -8.42
N LEU A 235 -5.48 -0.16 -9.08
CA LEU A 235 -6.08 -0.40 -10.38
C LEU A 235 -6.47 -1.89 -10.49
N VAL A 236 -7.71 -2.15 -10.88
CA VAL A 236 -8.21 -3.50 -11.10
C VAL A 236 -8.66 -3.63 -12.54
N ILE A 237 -8.25 -4.73 -13.20
CA ILE A 237 -8.58 -5.02 -14.58
C ILE A 237 -9.24 -6.39 -14.61
N ASP A 238 -10.32 -6.51 -15.38
CA ASP A 238 -10.98 -7.78 -15.50
C ASP A 238 -10.35 -8.62 -16.60
N VAL A 239 -10.07 -9.89 -16.30
CA VAL A 239 -9.39 -10.73 -17.29
C VAL A 239 -10.22 -10.91 -18.56
N GLU A 240 -11.51 -11.25 -18.40
CA GLU A 240 -12.35 -11.56 -19.57
C GLU A 240 -12.54 -10.34 -20.47
N THR A 241 -12.89 -9.18 -19.89
CA THR A 241 -13.15 -8.01 -20.73
C THR A 241 -11.90 -7.22 -21.09
N GLU A 242 -10.79 -7.51 -20.42
CA GLU A 242 -9.53 -6.74 -20.57
C GLU A 242 -9.72 -5.26 -20.26
N SER A 243 -10.69 -4.94 -19.43
N SER A 243 -10.73 -4.91 -19.47
CA SER A 243 -11.05 -3.54 -19.15
CA SER A 243 -11.05 -3.54 -19.16
C SER A 243 -11.02 -3.27 -17.65
C SER A 243 -10.99 -3.27 -17.66
N VAL A 244 -10.75 -2.01 -17.31
CA VAL A 244 -10.84 -1.59 -15.93
C VAL A 244 -12.28 -1.75 -15.46
N VAL A 245 -12.45 -1.85 -14.14
CA VAL A 245 -13.72 -2.24 -13.57
C VAL A 245 -14.50 -1.05 -13.03
N ILE A 246 -13.87 0.11 -12.88
CA ILE A 246 -14.57 1.35 -12.56
C ILE A 246 -14.21 2.38 -13.63
N LYS A 247 -15.13 3.33 -13.86
CA LYS A 247 -15.10 4.16 -15.07
C LYS A 247 -14.23 5.41 -14.96
N PRO A 248 -14.33 6.17 -13.88
CA PRO A 248 -13.56 7.41 -13.79
C PRO A 248 -12.05 7.18 -13.66
N LYS A 249 -11.31 8.22 -14.03
CA LYS A 249 -9.89 8.32 -13.74
C LYS A 249 -9.10 7.11 -14.25
N GLN A 250 -9.43 6.66 -15.48
CA GLN A 250 -8.74 5.55 -16.13
C GLN A 250 -8.78 4.26 -15.30
N GLY A 251 -9.77 4.13 -14.42
CA GLY A 251 -9.90 2.91 -13.64
C GLY A 251 -9.24 2.94 -12.30
N PHE A 252 -8.54 4.02 -11.96
CA PHE A 252 -7.84 4.07 -10.68
C PHE A 252 -8.81 4.43 -9.54
N GLY A 253 -8.67 3.74 -8.42
CA GLY A 253 -9.58 3.98 -7.32
C GLY A 253 -9.01 3.53 -5.98
N GLY A 254 -9.76 3.83 -4.92
CA GLY A 254 -9.29 3.54 -3.57
C GLY A 254 -9.57 2.11 -3.18
N LEU A 255 -8.56 1.47 -2.57
CA LEU A 255 -8.68 0.09 -2.15
C LEU A 255 -9.10 -0.02 -0.69
N GLY A 256 -10.03 -0.93 -0.40
CA GLY A 256 -10.37 -1.30 0.95
C GLY A 256 -10.45 -2.81 1.14
N GLY A 257 -10.64 -3.21 2.38
CA GLY A 257 -10.79 -4.63 2.67
C GLY A 257 -9.52 -5.35 3.00
N ARG A 258 -9.42 -6.63 2.66
CA ARG A 258 -8.29 -7.42 3.13
CA ARG A 258 -8.29 -7.43 3.12
C ARG A 258 -6.97 -6.85 2.64
N TYR A 259 -6.95 -6.20 1.49
CA TYR A 259 -5.71 -5.66 0.96
C TYR A 259 -5.02 -4.71 1.93
N VAL A 260 -5.79 -3.99 2.77
CA VAL A 260 -5.27 -2.83 3.48
C VAL A 260 -4.96 -3.12 4.94
N PHE A 261 -5.20 -4.33 5.41
CA PHE A 261 -5.14 -4.58 6.84
C PHE A 261 -3.76 -4.36 7.44
N PRO A 262 -2.68 -4.92 6.93
CA PRO A 262 -1.38 -4.62 7.54
C PRO A 262 -1.00 -3.15 7.45
N THR A 263 -1.33 -2.46 6.37
CA THR A 263 -1.09 -1.02 6.30
C THR A 263 -1.91 -0.26 7.35
N ALA A 264 -3.17 -0.66 7.54
CA ALA A 264 -4.01 0.01 8.53
C ALA A 264 -3.46 -0.16 9.94
N LEU A 265 -3.07 -1.40 10.30
CA LEU A 265 -2.50 -1.62 11.63
C LEU A 265 -1.25 -0.81 11.83
N ALA A 266 -0.38 -0.77 10.80
CA ALA A 266 0.86 0.01 10.89
C ALA A 266 0.56 1.47 11.15
N ASN A 267 -0.42 2.04 10.45
CA ASN A 267 -0.72 3.45 10.65
C ASN A 267 -1.35 3.70 12.01
N VAL A 268 -2.27 2.85 12.43
CA VAL A 268 -2.84 3.00 13.78
C VAL A 268 -1.72 3.03 14.81
N ASN A 269 -0.82 2.06 14.77
CA ASN A 269 0.20 1.99 15.79
C ASN A 269 1.18 3.15 15.68
N ALA A 270 1.54 3.54 14.45
CA ALA A 270 2.51 4.61 14.29
C ALA A 270 1.99 5.90 14.93
N PHE A 271 0.72 6.21 14.68
CA PHE A 271 0.11 7.40 15.29
C PHE A 271 -0.21 7.24 16.77
N TYR A 272 -0.56 6.03 17.20
CA TYR A 272 -0.72 5.77 18.63
C TYR A 272 0.56 6.12 19.38
N ARG A 273 1.71 5.70 18.83
CA ARG A 273 2.98 5.94 19.47
C ARG A 273 3.33 7.43 19.44
N ARG A 274 3.03 8.12 18.34
CA ARG A 274 3.54 9.48 18.15
C ARG A 274 2.58 10.54 18.64
N CYS A 275 1.33 10.17 18.90
CA CYS A 275 0.31 11.11 19.38
C CYS A 275 -0.36 10.58 20.65
N PRO A 276 0.40 10.41 21.75
CA PRO A 276 -0.20 9.83 22.95
C PRO A 276 -1.23 10.71 23.60
N GLY A 277 -1.25 12.00 23.28
CA GLY A 277 -2.27 12.88 23.83
C GLY A 277 -3.58 12.91 23.07
N LYS A 278 -3.72 12.07 22.02
CA LYS A 278 -4.92 12.00 21.20
C LYS A 278 -5.39 10.55 21.17
N LEU A 279 -6.63 10.37 20.75
CA LEU A 279 -7.19 9.06 20.47
C LEU A 279 -6.92 8.66 19.02
N ILE A 280 -6.79 7.37 18.78
CA ILE A 280 -6.70 6.83 17.43
C ILE A 280 -7.93 5.99 17.17
N PHE A 281 -8.56 6.18 16.02
CA PHE A 281 -9.62 5.30 15.57
C PHE A 281 -9.02 4.43 14.47
N GLY A 282 -9.25 3.13 14.54
CA GLY A 282 -8.74 2.24 13.48
C GLY A 282 -9.80 1.99 12.41
N CYS A 283 -9.33 1.93 11.17
CA CYS A 283 -10.21 1.63 10.05
C CYS A 283 -9.38 0.93 9.00
N GLY A 284 -9.87 -0.20 8.49
CA GLY A 284 -9.17 -0.88 7.44
C GLY A 284 -9.07 -2.38 7.69
N GLY A 285 -9.67 -3.14 6.78
CA GLY A 285 -9.53 -4.58 6.77
C GLY A 285 -10.22 -5.34 7.88
N VAL A 286 -11.18 -4.75 8.59
CA VAL A 286 -11.84 -5.48 9.68
C VAL A 286 -12.95 -6.34 9.11
N TYR A 287 -12.83 -7.67 9.30
CA TYR A 287 -13.89 -8.61 9.00
C TYR A 287 -14.29 -9.44 10.21
N THR A 288 -13.45 -9.58 11.23
CA THR A 288 -13.77 -10.40 12.38
C THR A 288 -13.41 -9.68 13.68
N GLY A 289 -13.91 -10.23 14.79
CA GLY A 289 -13.50 -9.73 16.10
C GLY A 289 -12.01 -9.86 16.36
N GLU A 290 -11.36 -10.89 15.84
CA GLU A 290 -9.91 -10.96 15.94
C GLU A 290 -9.24 -9.79 15.22
N ASP A 291 -9.74 -9.43 14.03
CA ASP A 291 -9.18 -8.27 13.34
C ASP A 291 -9.31 -7.00 14.21
N ALA A 292 -10.48 -6.84 14.82
CA ALA A 292 -10.73 -5.70 15.71
C ALA A 292 -9.82 -5.74 16.92
N PHE A 293 -9.62 -6.93 17.50
CA PHE A 293 -8.69 -7.10 18.60
C PHE A 293 -7.30 -6.62 18.24
N LEU A 294 -6.82 -6.92 17.00
CA LEU A 294 -5.50 -6.47 16.58
C LEU A 294 -5.45 -4.97 16.44
N HIS A 295 -6.51 -4.37 15.89
CA HIS A 295 -6.54 -2.91 15.82
C HIS A 295 -6.45 -2.29 17.22
N VAL A 296 -7.21 -2.82 18.19
CA VAL A 296 -7.12 -2.30 19.56
C VAL A 296 -5.72 -2.49 20.13
N LEU A 297 -5.12 -3.66 19.96
CA LEU A 297 -3.74 -3.85 20.42
C LEU A 297 -2.79 -2.81 19.80
N ALA A 298 -3.00 -2.47 18.53
CA ALA A 298 -2.20 -1.45 17.89
C ALA A 298 -2.46 -0.05 18.46
N GLY A 299 -3.62 0.17 19.07
CA GLY A 299 -3.88 1.48 19.66
C GLY A 299 -5.29 2.01 19.45
N ALA A 300 -6.15 1.29 18.70
CA ALA A 300 -7.46 1.86 18.36
C ALA A 300 -8.42 1.96 19.55
N SER A 301 -9.10 3.11 19.65
CA SER A 301 -10.20 3.37 20.58
C SER A 301 -11.52 2.94 19.97
N MET A 302 -11.84 3.43 18.78
CA MET A 302 -12.95 2.95 17.98
C MET A 302 -12.40 2.15 16.81
N VAL A 303 -13.24 1.26 16.28
CA VAL A 303 -12.89 0.42 15.14
C VAL A 303 -14.00 0.56 14.09
N GLN A 304 -13.65 1.10 12.94
CA GLN A 304 -14.58 1.37 11.85
C GLN A 304 -14.54 0.22 10.83
N VAL A 305 -15.70 -0.06 10.25
CA VAL A 305 -15.88 -1.18 9.33
C VAL A 305 -16.48 -0.66 8.03
N GLY A 306 -15.75 -0.85 6.92
CA GLY A 306 -16.16 -0.36 5.63
C GLY A 306 -16.58 -1.50 4.71
N THR A 307 -15.62 -2.03 3.94
CA THR A 307 -15.89 -3.08 2.96
C THR A 307 -16.69 -4.25 3.53
N ALA A 308 -16.30 -4.75 4.71
CA ALA A 308 -17.03 -5.92 5.23
C ALA A 308 -18.49 -5.60 5.51
N LEU A 309 -18.76 -4.38 6.03
CA LEU A 309 -20.13 -3.94 6.25
C LEU A 309 -20.89 -3.75 4.93
N HIS A 310 -20.21 -3.26 3.89
CA HIS A 310 -20.87 -3.15 2.58
C HIS A 310 -21.35 -4.52 2.11
N GLU A 311 -20.54 -5.56 2.36
CA GLU A 311 -20.88 -6.89 1.88
C GLU A 311 -21.92 -7.55 2.75
N GLU A 312 -21.84 -7.39 4.07
CA GLU A 312 -22.61 -8.21 5.00
C GLU A 312 -23.84 -7.49 5.56
N GLY A 313 -23.84 -6.16 5.58
CA GLY A 313 -24.92 -5.40 6.17
C GLY A 313 -24.77 -5.24 7.67
N ALA A 314 -25.70 -4.47 8.26
CA ALA A 314 -25.57 -4.05 9.65
C ALA A 314 -25.63 -5.20 10.65
N ALA A 315 -26.08 -6.39 10.24
CA ALA A 315 -26.03 -7.52 11.14
C ALA A 315 -24.60 -7.87 11.53
N ILE A 316 -23.61 -7.45 10.74
CA ILE A 316 -22.23 -7.72 11.06
C ILE A 316 -21.86 -7.27 12.48
N PHE A 317 -22.48 -6.21 12.99
CA PHE A 317 -22.05 -5.74 14.32
C PHE A 317 -22.37 -6.74 15.42
N GLU A 318 -23.49 -7.48 15.29
CA GLU A 318 -23.81 -8.54 16.23
C GLU A 318 -22.70 -9.59 16.24
N ARG A 319 -22.16 -9.92 15.07
CA ARG A 319 -21.11 -10.91 14.98
C ARG A 319 -19.80 -10.35 15.51
N LEU A 320 -19.49 -9.11 15.17
CA LEU A 320 -18.22 -8.53 15.61
C LEU A 320 -18.13 -8.43 17.13
N THR A 321 -19.21 -7.98 17.80
CA THR A 321 -19.10 -7.86 19.26
C THR A 321 -18.94 -9.22 19.90
N ALA A 322 -19.72 -10.21 19.43
CA ALA A 322 -19.59 -11.55 19.98
C ALA A 322 -18.18 -12.08 19.81
N GLU A 323 -17.61 -11.92 18.60
CA GLU A 323 -16.27 -12.42 18.32
C GLU A 323 -15.23 -11.74 19.17
N LEU A 324 -15.33 -10.42 19.33
CA LEU A 324 -14.33 -9.72 20.14
C LEU A 324 -14.45 -10.10 21.61
N LEU A 325 -15.68 -10.24 22.12
CA LEU A 325 -15.86 -10.68 23.50
C LEU A 325 -15.29 -12.07 23.68
N ASP A 326 -15.41 -12.93 22.66
CA ASP A 326 -14.87 -14.28 22.74
C ASP A 326 -13.35 -14.26 22.85
N VAL A 327 -12.69 -13.44 22.02
CA VAL A 327 -11.24 -13.33 22.14
C VAL A 327 -10.86 -12.86 23.53
N MET A 328 -11.53 -11.82 24.03
CA MET A 328 -11.27 -11.32 25.38
C MET A 328 -11.48 -12.40 26.43
N ALA A 329 -12.57 -13.17 26.31
CA ALA A 329 -12.86 -14.19 27.31
C ALA A 329 -11.76 -15.23 27.36
N LYS A 330 -11.27 -15.67 26.19
CA LYS A 330 -10.18 -16.64 26.16
C LYS A 330 -8.94 -16.12 26.87
N LYS A 331 -8.69 -14.80 26.81
CA LYS A 331 -7.49 -14.21 27.36
C LYS A 331 -7.68 -13.64 28.77
N GLY A 332 -8.90 -13.67 29.30
CA GLY A 332 -9.14 -13.13 30.62
C GLY A 332 -9.23 -11.63 30.68
N TYR A 333 -9.36 -10.96 29.54
CA TYR A 333 -9.52 -9.52 29.56
C TYR A 333 -10.96 -9.15 29.89
N LYS A 334 -11.11 -8.10 30.69
CA LYS A 334 -12.41 -7.59 31.08
C LYS A 334 -12.76 -6.26 30.45
N ALA A 335 -11.77 -5.52 29.94
CA ALA A 335 -12.03 -4.20 29.36
C ALA A 335 -10.97 -3.91 28.32
N LEU A 336 -11.34 -3.12 27.31
CA LEU A 336 -10.42 -2.77 26.23
C LEU A 336 -9.24 -1.91 26.73
N ASP A 337 -9.46 -1.10 27.77
CA ASP A 337 -8.37 -0.32 28.36
C ASP A 337 -7.22 -1.21 28.84
N GLU A 338 -7.47 -2.51 29.04
CA GLU A 338 -6.41 -3.37 29.53
C GLU A 338 -5.39 -3.72 28.47
N PHE A 339 -5.75 -3.67 27.21
CA PHE A 339 -4.82 -4.04 26.16
C PHE A 339 -4.71 -3.07 25.00
N ARG A 340 -5.45 -1.96 25.01
CA ARG A 340 -5.30 -0.99 23.92
C ARG A 340 -3.86 -0.49 23.91
N GLY A 341 -3.23 -0.61 22.73
CA GLY A 341 -1.87 -0.18 22.51
C GLY A 341 -0.81 -1.10 23.04
N LYS A 342 -1.18 -2.23 23.64
CA LYS A 342 -0.25 -3.10 24.35
C LYS A 342 0.40 -4.15 23.43
N VAL A 343 0.46 -3.89 22.12
CA VAL A 343 1.19 -4.79 21.23
C VAL A 343 2.60 -4.96 21.74
N LYS A 344 3.09 -6.21 21.76
CA LYS A 344 4.42 -6.51 22.29
C LYS A 344 5.45 -6.66 21.20
N ALA A 345 6.71 -6.42 21.56
CA ALA A 345 7.84 -6.68 20.67
C ALA A 345 8.19 -8.17 20.63
N MET A 346 8.90 -8.56 19.57
CA MET A 346 9.38 -9.94 19.43
C MET A 346 10.90 -10.02 19.65
N SER B 34 3.19 -22.10 -32.82
CA SER B 34 2.10 -21.12 -32.86
C SER B 34 2.15 -20.01 -31.79
N MET B 35 1.59 -20.24 -30.59
CA MET B 35 1.62 -19.19 -29.58
C MET B 35 3.03 -19.03 -29.01
N SER B 36 3.30 -17.84 -28.48
CA SER B 36 4.64 -17.53 -28.01
C SER B 36 4.63 -16.53 -26.83
N LEU B 37 5.48 -16.81 -25.86
CA LEU B 37 5.75 -15.91 -24.75
C LEU B 37 7.08 -15.16 -24.91
N GLN B 38 7.71 -15.24 -26.09
CA GLN B 38 9.02 -14.60 -26.22
C GLN B 38 8.88 -13.10 -26.05
N VAL B 39 9.92 -12.50 -25.49
CA VAL B 39 10.06 -11.05 -25.32
C VAL B 39 11.39 -10.64 -25.95
N GLY B 40 11.36 -9.61 -26.80
CA GLY B 40 12.56 -9.12 -27.43
C GLY B 40 12.79 -7.70 -27.01
N ILE B 41 13.62 -7.52 -25.98
CA ILE B 41 13.90 -6.20 -25.43
C ILE B 41 15.36 -6.11 -25.05
N LEU B 42 15.83 -4.87 -24.99
CA LEU B 42 17.17 -4.59 -24.46
C LEU B 42 18.27 -5.34 -25.23
N GLY B 43 18.07 -5.57 -26.52
CA GLY B 43 19.05 -6.29 -27.29
C GLY B 43 19.18 -7.77 -26.97
N ASN B 44 18.17 -8.35 -26.30
CA ASN B 44 18.18 -9.74 -25.91
C ASN B 44 16.87 -10.37 -26.27
N THR B 45 16.89 -11.70 -26.34
CA THR B 45 15.71 -12.51 -26.55
C THR B 45 15.46 -13.27 -25.28
N PHE B 46 14.28 -13.12 -24.71
CA PHE B 46 13.87 -13.84 -23.52
C PHE B 46 12.81 -14.86 -23.92
N ALA B 47 12.91 -16.07 -23.34
CA ALA B 47 11.99 -17.14 -23.75
C ALA B 47 10.58 -16.87 -23.29
N ASN B 48 10.44 -16.14 -22.20
CA ASN B 48 9.16 -15.80 -21.60
C ASN B 48 9.40 -14.62 -20.69
N PRO B 49 8.35 -13.98 -20.20
CA PRO B 49 8.58 -12.72 -19.46
C PRO B 49 8.95 -12.92 -18.00
N PHE B 50 8.97 -14.14 -17.53
CA PHE B 50 9.04 -14.38 -16.09
C PHE B 50 10.48 -14.38 -15.58
N MET B 51 10.64 -13.86 -14.36
CA MET B 51 11.90 -13.88 -13.64
C MET B 51 11.58 -13.81 -12.16
N ASN B 52 12.57 -14.11 -11.31
CA ASN B 52 12.39 -13.81 -9.90
C ASN B 52 12.38 -12.31 -9.68
N ALA B 53 11.76 -11.90 -8.58
CA ALA B 53 11.94 -10.58 -8.01
C ALA B 53 13.25 -10.51 -7.25
N ALA B 54 13.92 -9.39 -7.31
CA ALA B 54 15.16 -9.24 -6.57
C ALA B 54 14.92 -9.52 -5.09
N GLY B 55 15.86 -10.24 -4.51
CA GLY B 55 15.80 -10.63 -3.12
C GLY B 55 15.22 -12.01 -2.86
N VAL B 56 14.51 -12.59 -3.82
CA VAL B 56 13.88 -13.89 -3.68
C VAL B 56 14.63 -14.93 -4.50
N MET B 57 15.15 -15.95 -3.82
N MET B 57 15.16 -15.94 -3.81
CA MET B 57 15.84 -17.08 -4.44
CA MET B 57 15.81 -17.08 -4.44
C MET B 57 17.01 -16.64 -5.31
C MET B 57 17.00 -16.66 -5.31
N CYS B 58 17.89 -15.81 -4.74
CA CYS B 58 18.95 -15.25 -5.58
C CYS B 58 20.14 -14.75 -4.78
N SER B 59 20.31 -15.23 -3.55
CA SER B 59 21.40 -14.76 -2.72
C SER B 59 22.66 -15.61 -2.82
N THR B 60 22.53 -16.95 -2.95
CA THR B 60 23.68 -17.84 -2.98
C THR B 60 23.86 -18.40 -4.39
N GLU B 61 25.03 -18.97 -4.65
CA GLU B 61 25.26 -19.61 -5.93
C GLU B 61 24.24 -20.72 -6.21
N GLU B 62 23.92 -21.51 -5.19
CA GLU B 62 22.95 -22.59 -5.38
C GLU B 62 21.61 -22.03 -5.81
N GLU B 63 21.17 -20.91 -5.23
CA GLU B 63 19.88 -20.34 -5.61
C GLU B 63 19.94 -19.81 -7.03
N LEU B 64 21.04 -19.13 -7.36
CA LEU B 64 21.17 -18.58 -8.71
C LEU B 64 21.23 -19.68 -9.75
N ALA B 65 21.91 -20.78 -9.43
CA ALA B 65 21.98 -21.91 -10.37
C ALA B 65 20.61 -22.54 -10.54
N ALA B 66 19.83 -22.60 -9.44
CA ALA B 66 18.48 -23.11 -9.55
C ALA B 66 17.60 -22.24 -10.40
N MET B 67 17.75 -20.92 -10.27
CA MET B 67 17.00 -20.02 -11.14
C MET B 67 17.44 -20.19 -12.59
N THR B 68 18.74 -20.37 -12.82
CA THR B 68 19.21 -20.52 -14.20
C THR B 68 18.72 -21.84 -14.80
N GLU B 69 18.67 -22.92 -13.99
CA GLU B 69 18.17 -24.22 -14.46
C GLU B 69 16.67 -24.22 -14.66
N SER B 70 15.95 -23.28 -14.01
CA SER B 70 14.50 -23.20 -14.11
C SER B 70 14.09 -22.79 -15.52
N THR B 71 12.78 -22.82 -15.76
CA THR B 71 12.24 -22.37 -17.03
C THR B 71 11.97 -20.86 -17.07
N SER B 72 12.37 -20.10 -16.05
CA SER B 72 12.18 -18.65 -16.14
C SER B 72 12.89 -18.05 -17.37
N GLY B 73 12.32 -16.97 -17.86
CA GLY B 73 12.93 -16.20 -18.93
C GLY B 73 14.20 -15.49 -18.53
N SER B 74 14.32 -15.10 -17.26
CA SER B 74 15.50 -14.45 -16.77
C SER B 74 15.59 -14.64 -15.25
N LEU B 75 16.51 -13.90 -14.65
CA LEU B 75 16.77 -13.94 -13.22
C LEU B 75 17.52 -12.67 -12.85
N ILE B 76 17.44 -12.33 -11.57
CA ILE B 76 18.13 -11.16 -11.04
C ILE B 76 18.74 -11.54 -9.70
N THR B 77 19.91 -10.97 -9.43
CA THR B 77 20.59 -11.23 -8.17
C THR B 77 19.95 -10.46 -7.00
N LYS B 78 20.28 -10.89 -5.80
CA LYS B 78 19.94 -10.16 -4.59
C LYS B 78 20.56 -8.77 -4.61
N SER B 79 19.79 -7.76 -4.18
CA SER B 79 20.36 -6.42 -4.14
C SER B 79 21.60 -6.41 -3.26
N CYS B 80 22.70 -5.86 -3.77
CA CYS B 80 23.94 -5.91 -3.01
C CYS B 80 24.44 -4.54 -2.54
N THR B 81 25.27 -4.61 -1.51
CA THR B 81 26.01 -3.50 -0.96
C THR B 81 27.49 -3.74 -1.22
N PRO B 82 28.31 -2.68 -1.13
CA PRO B 82 29.75 -2.84 -1.41
C PRO B 82 30.38 -3.97 -0.64
N ALA B 83 30.03 -4.12 0.62
CA ALA B 83 30.53 -5.21 1.47
C ALA B 83 29.43 -6.18 1.89
N LEU B 84 29.85 -7.38 2.22
CA LEU B 84 28.92 -8.39 2.70
C LEU B 84 28.17 -7.88 3.93
N ARG B 85 26.89 -8.24 4.04
CA ARG B 85 26.11 -7.97 5.24
C ARG B 85 25.36 -9.22 5.71
N GLU B 86 25.39 -9.46 7.03
CA GLU B 86 24.65 -10.58 7.62
C GLU B 86 23.17 -10.25 7.91
N GLY B 87 22.79 -8.98 7.92
CA GLY B 87 21.38 -8.61 7.89
C GLY B 87 20.72 -8.45 9.26
N ASN B 88 19.43 -8.06 9.22
CA ASN B 88 18.66 -7.82 10.44
C ASN B 88 18.52 -9.11 11.24
N PRO B 89 18.25 -9.01 12.55
CA PRO B 89 18.05 -10.22 13.36
C PRO B 89 16.72 -10.90 13.02
N ALA B 90 16.74 -12.24 13.09
CA ALA B 90 15.57 -13.06 12.80
C ALA B 90 14.62 -13.09 14.00
N PRO B 91 13.34 -13.38 13.76
CA PRO B 91 12.68 -13.59 12.46
C PRO B 91 12.58 -12.28 11.67
N ARG B 92 12.89 -12.32 10.38
CA ARG B 92 12.79 -11.14 9.53
C ARG B 92 11.92 -11.37 8.30
N TYR B 93 11.27 -12.52 8.21
CA TYR B 93 10.28 -12.81 7.19
C TYR B 93 9.15 -13.55 7.86
N TYR B 94 7.93 -13.29 7.43
CA TYR B 94 6.78 -14.02 7.95
C TYR B 94 5.73 -14.17 6.87
N THR B 95 5.17 -15.38 6.80
CA THR B 95 4.12 -15.71 5.87
C THR B 95 2.77 -15.22 6.41
N LEU B 96 2.07 -14.41 5.62
CA LEU B 96 0.76 -13.87 5.98
C LEU B 96 -0.34 -14.60 5.22
N PRO B 97 -1.61 -14.47 5.67
CA PRO B 97 -2.71 -15.13 4.95
C PRO B 97 -2.73 -14.86 3.46
N LEU B 98 -2.34 -13.64 3.06
CA LEU B 98 -2.45 -13.22 1.66
C LEU B 98 -1.11 -12.73 1.11
N GLY B 99 -0.02 -13.09 1.76
CA GLY B 99 1.26 -12.63 1.26
C GLY B 99 2.40 -12.78 2.25
N SER B 100 3.20 -11.72 2.36
CA SER B 100 4.40 -11.79 3.19
C SER B 100 4.68 -10.41 3.76
N ILE B 101 5.44 -10.42 4.87
CA ILE B 101 6.05 -9.22 5.42
C ILE B 101 7.52 -9.53 5.66
N ASN B 102 8.38 -8.55 5.39
CA ASN B 102 9.80 -8.78 5.59
C ASN B 102 10.51 -7.52 6.07
N SER B 103 11.51 -7.73 6.92
CA SER B 103 12.46 -6.67 7.24
C SER B 103 13.86 -7.20 7.00
N MET B 104 14.11 -7.76 5.81
CA MET B 104 15.35 -8.54 5.64
C MET B 104 16.56 -7.74 6.09
N GLY B 105 16.59 -6.45 5.78
CA GLY B 105 17.73 -5.67 6.19
C GLY B 105 18.94 -5.87 5.33
N LEU B 106 18.74 -6.09 4.03
CA LEU B 106 19.81 -6.10 3.07
C LEU B 106 20.87 -7.18 3.31
N PRO B 107 20.52 -8.37 3.83
CA PRO B 107 21.54 -9.43 3.97
C PRO B 107 21.96 -9.87 2.58
N ASN B 108 23.26 -9.81 2.30
CA ASN B 108 23.71 -10.07 0.95
C ASN B 108 25.17 -10.42 1.02
N LYS B 109 25.62 -11.17 0.03
CA LYS B 109 27.00 -11.64 0.02
C LYS B 109 28.00 -10.56 -0.40
N GLY B 110 27.54 -9.37 -0.74
CA GLY B 110 28.44 -8.30 -1.15
C GLY B 110 28.62 -8.25 -2.65
N PHE B 111 28.90 -7.04 -3.13
CA PHE B 111 28.99 -6.82 -4.58
C PHE B 111 30.00 -7.75 -5.24
N ASP B 112 31.17 -7.98 -4.59
CA ASP B 112 32.21 -8.72 -5.29
C ASP B 112 31.71 -10.12 -5.64
N PHE B 113 30.88 -10.71 -4.78
CA PHE B 113 30.31 -12.03 -5.03
C PHE B 113 29.36 -12.04 -6.23
N TYR B 114 28.44 -11.06 -6.31
CA TYR B 114 27.51 -11.02 -7.43
C TYR B 114 28.21 -10.64 -8.71
N LEU B 115 29.22 -9.76 -8.61
CA LEU B 115 30.04 -9.45 -9.79
C LEU B 115 30.72 -10.69 -10.31
N ALA B 116 31.33 -11.48 -9.42
CA ALA B 116 31.99 -12.70 -9.86
C ALA B 116 30.98 -13.68 -10.47
N TYR B 117 29.79 -13.77 -9.89
CA TYR B 117 28.75 -14.61 -10.49
C TYR B 117 28.47 -14.19 -11.93
N SER B 118 28.31 -12.88 -12.16
CA SER B 118 27.97 -12.36 -13.48
C SER B 118 29.12 -12.57 -14.43
N ALA B 119 30.34 -12.39 -13.93
CA ALA B 119 31.50 -12.44 -14.81
C ALA B 119 31.92 -13.87 -15.13
N ARG B 120 31.74 -14.80 -14.19
CA ARG B 120 32.39 -16.10 -14.33
C ARG B 120 31.50 -17.32 -14.23
N HIS B 121 30.37 -17.22 -13.54
CA HIS B 121 29.56 -18.41 -13.29
C HIS B 121 28.30 -18.49 -14.10
N HIS B 122 27.68 -17.37 -14.42
CA HIS B 122 26.39 -17.41 -15.11
C HIS B 122 26.52 -17.91 -16.54
N ASP B 123 25.62 -18.80 -16.92
CA ASP B 123 25.52 -19.33 -18.28
C ASP B 123 24.55 -18.46 -19.09
N TYR B 124 25.12 -17.53 -19.86
CA TYR B 124 24.29 -16.63 -20.66
C TYR B 124 23.64 -17.34 -21.82
N SER B 125 24.11 -18.54 -22.21
CA SER B 125 23.39 -19.30 -23.23
C SER B 125 22.03 -19.79 -22.72
N ARG B 126 21.85 -19.84 -21.40
CA ARG B 126 20.59 -20.26 -20.81
C ARG B 126 19.59 -19.14 -20.81
N LYS B 127 20.00 -17.96 -20.35
CA LYS B 127 19.09 -16.82 -20.28
C LYS B 127 19.89 -15.57 -19.87
N PRO B 128 19.34 -14.39 -20.16
CA PRO B 128 20.00 -13.15 -19.71
C PRO B 128 19.92 -13.00 -18.21
N LEU B 129 20.84 -12.17 -17.69
CA LEU B 129 20.98 -11.95 -16.26
C LEU B 129 20.90 -10.48 -15.91
N PHE B 130 20.15 -10.17 -14.85
CA PHE B 130 20.19 -8.86 -14.22
C PHE B 130 20.90 -8.87 -12.88
N ILE B 131 21.56 -7.75 -12.56
CA ILE B 131 22.23 -7.57 -11.27
C ILE B 131 21.57 -6.39 -10.57
N SER B 132 21.17 -6.57 -9.34
CA SER B 132 20.58 -5.51 -8.56
C SER B 132 21.60 -4.93 -7.60
N ILE B 133 21.69 -3.61 -7.55
CA ILE B 133 22.60 -2.96 -6.61
C ILE B 133 21.80 -2.01 -5.73
N SER B 134 22.16 -1.93 -4.45
CA SER B 134 21.47 -1.09 -3.49
C SER B 134 22.47 -0.55 -2.48
N GLY B 135 23.40 0.27 -2.94
CA GLY B 135 24.29 0.96 -2.02
C GLY B 135 23.56 1.94 -1.12
N PHE B 136 24.23 2.34 -0.04
CA PHE B 136 23.65 3.24 0.96
C PHE B 136 23.79 4.72 0.62
N SER B 137 24.50 5.07 -0.45
CA SER B 137 24.40 6.41 -0.95
C SER B 137 24.76 6.42 -2.43
N ALA B 138 24.55 7.60 -3.02
CA ALA B 138 24.78 7.73 -4.45
C ALA B 138 26.21 7.30 -4.80
N GLU B 139 27.16 7.68 -3.96
N GLU B 139 27.16 7.71 -3.97
CA GLU B 139 28.56 7.41 -4.25
CA GLU B 139 28.57 7.41 -4.24
C GLU B 139 28.89 5.93 -4.13
C GLU B 139 28.88 5.93 -4.13
N GLU B 140 28.30 5.23 -3.15
CA GLU B 140 28.52 3.77 -3.09
C GLU B 140 28.04 3.10 -4.38
N ASN B 141 26.86 3.50 -4.85
CA ASN B 141 26.33 2.92 -6.07
C ASN B 141 27.21 3.28 -7.27
N ALA B 142 27.70 4.51 -7.35
CA ALA B 142 28.57 4.90 -8.47
C ALA B 142 29.85 4.07 -8.49
N GLU B 143 30.41 3.79 -7.33
CA GLU B 143 31.64 3.00 -7.29
C GLU B 143 31.41 1.56 -7.75
N MET B 144 30.29 0.94 -7.34
CA MET B 144 29.96 -0.39 -7.83
C MET B 144 29.77 -0.38 -9.34
N CYS B 145 29.08 0.65 -9.85
CA CYS B 145 28.84 0.75 -11.30
C CYS B 145 30.16 0.82 -12.09
N LYS B 146 31.15 1.58 -11.59
CA LYS B 146 32.41 1.65 -12.32
C LYS B 146 33.04 0.27 -12.49
N ARG B 147 32.94 -0.58 -11.47
N ARG B 147 32.93 -0.58 -11.46
CA ARG B 147 33.50 -1.92 -11.55
CA ARG B 147 33.50 -1.92 -11.54
C ARG B 147 32.62 -2.85 -12.37
C ARG B 147 32.61 -2.86 -12.34
N LEU B 148 31.29 -2.62 -12.32
CA LEU B 148 30.38 -3.45 -13.10
C LEU B 148 30.54 -3.19 -14.59
N ALA B 149 30.85 -1.95 -14.98
CA ALA B 149 30.80 -1.54 -16.38
C ALA B 149 31.53 -2.49 -17.31
N PRO B 150 32.78 -2.89 -17.06
CA PRO B 150 33.46 -3.78 -18.02
C PRO B 150 32.83 -5.16 -18.11
N VAL B 151 32.25 -5.65 -17.02
CA VAL B 151 31.57 -6.94 -17.03
C VAL B 151 30.26 -6.88 -17.81
N ALA B 152 29.47 -5.83 -17.59
CA ALA B 152 28.31 -5.58 -18.44
C ALA B 152 28.68 -5.54 -19.91
N ALA B 153 29.79 -4.86 -20.23
CA ALA B 153 30.18 -4.74 -21.63
C ALA B 153 30.56 -6.09 -22.23
N GLU B 154 31.33 -6.88 -21.50
CA GLU B 154 31.85 -8.13 -22.02
C GLU B 154 30.84 -9.26 -21.98
N LYS B 155 30.05 -9.35 -20.90
CA LYS B 155 29.17 -10.47 -20.67
C LYS B 155 27.71 -10.18 -20.92
N GLY B 156 27.28 -8.93 -20.77
CA GLY B 156 25.91 -8.55 -21.05
C GLY B 156 24.95 -8.52 -19.87
N VAL B 157 25.44 -8.72 -18.64
CA VAL B 157 24.61 -8.52 -17.47
C VAL B 157 24.03 -7.11 -17.48
N ILE B 158 22.78 -6.99 -17.01
CA ILE B 158 22.02 -5.77 -17.06
C ILE B 158 21.76 -5.25 -15.65
N LEU B 159 22.05 -3.99 -15.40
CA LEU B 159 21.88 -3.39 -14.08
C LEU B 159 20.45 -2.97 -13.77
N GLU B 160 19.97 -3.36 -12.57
CA GLU B 160 18.75 -2.78 -11.96
C GLU B 160 19.19 -2.06 -10.68
N LEU B 161 18.93 -0.77 -10.59
CA LEU B 161 19.29 0.03 -9.42
C LEU B 161 18.09 0.10 -8.47
N ASN B 162 18.31 -0.29 -7.22
CA ASN B 162 17.24 -0.34 -6.23
C ASN B 162 17.12 1.02 -5.55
N LEU B 163 16.04 1.72 -5.85
CA LEU B 163 15.74 3.02 -5.24
C LEU B 163 14.58 2.93 -4.24
N SER B 164 14.28 1.75 -3.72
CA SER B 164 13.02 1.55 -3.00
C SER B 164 13.06 0.56 -1.85
N CYS B 165 14.24 0.24 -1.34
CA CYS B 165 14.19 -0.62 -0.19
C CYS B 165 13.61 0.04 1.08
N PRO B 166 12.66 -0.58 1.82
CA PRO B 166 11.73 0.15 2.71
C PRO B 166 12.31 -0.16 4.14
N ASN B 167 13.44 -0.91 4.20
CA ASN B 167 13.97 -1.44 5.46
C ASN B 167 15.39 -0.94 5.78
N VAL B 168 15.78 0.22 5.26
CA VAL B 168 17.09 0.80 5.56
C VAL B 168 17.00 1.59 6.85
N PRO B 169 17.72 1.20 7.94
CA PRO B 169 17.61 1.97 9.19
C PRO B 169 17.82 3.46 8.99
N GLY B 170 16.81 4.26 9.36
CA GLY B 170 16.91 5.71 9.36
C GLY B 170 16.84 6.39 8.01
N LYS B 171 16.66 5.67 6.91
CA LYS B 171 16.66 6.27 5.58
C LYS B 171 15.41 5.80 4.85
N PRO B 172 14.47 6.68 4.52
CA PRO B 172 13.29 6.25 3.76
C PRO B 172 13.65 5.85 2.32
N GLN B 173 12.72 5.14 1.69
CA GLN B 173 12.78 4.85 0.26
C GLN B 173 13.36 6.06 -0.49
N VAL B 174 14.49 5.85 -1.20
CA VAL B 174 15.14 6.96 -1.88
C VAL B 174 14.17 7.63 -2.85
N ALA B 175 13.40 6.83 -3.56
CA ALA B 175 12.49 7.41 -4.55
C ALA B 175 11.27 8.06 -3.92
N TYR B 176 11.18 8.12 -2.60
CA TYR B 176 10.20 8.98 -1.97
C TYR B 176 10.75 10.38 -1.67
N ASP B 177 11.97 10.68 -2.11
CA ASP B 177 12.63 11.97 -1.96
C ASP B 177 13.10 12.33 -3.37
N PHE B 178 12.32 13.14 -4.10
CA PHE B 178 12.58 13.29 -5.53
C PHE B 178 13.92 13.97 -5.79
N ASP B 179 14.37 14.86 -4.90
CA ASP B 179 15.70 15.45 -5.04
C ASP B 179 16.78 14.40 -4.90
N ALA B 180 16.66 13.49 -3.93
CA ALA B 180 17.65 12.42 -3.81
C ALA B 180 17.61 11.50 -5.02
N MET B 181 16.41 11.19 -5.50
CA MET B 181 16.29 10.33 -6.68
C MET B 181 17.05 10.91 -7.85
N ARG B 182 16.85 12.20 -8.13
CA ARG B 182 17.58 12.82 -9.23
C ARG B 182 19.09 12.76 -9.00
N ARG B 183 19.53 12.98 -7.75
N ARG B 183 19.53 12.99 -7.75
CA ARG B 183 20.96 12.94 -7.49
CA ARG B 183 20.96 12.94 -7.47
C ARG B 183 21.52 11.55 -7.75
C ARG B 183 21.51 11.56 -7.76
N TYR B 184 20.79 10.52 -7.34
CA TYR B 184 21.25 9.17 -7.59
C TYR B 184 21.34 8.90 -9.08
N LEU B 185 20.29 9.28 -9.83
CA LEU B 185 20.30 8.97 -11.25
C LEU B 185 21.41 9.73 -11.98
N ALA B 186 21.66 10.96 -11.57
CA ALA B 186 22.75 11.72 -12.15
C ALA B 186 24.11 11.07 -11.83
N ALA B 187 24.31 10.66 -10.57
CA ALA B 187 25.60 10.06 -10.19
C ALA B 187 25.86 8.76 -10.94
N ILE B 188 24.82 7.92 -11.07
CA ILE B 188 24.98 6.66 -11.78
C ILE B 188 25.21 6.93 -13.27
N SER B 189 24.43 7.85 -13.84
CA SER B 189 24.59 8.14 -15.26
C SER B 189 26.00 8.64 -15.55
N GLU B 190 26.59 9.41 -14.63
CA GLU B 190 27.95 9.87 -14.84
C GLU B 190 28.96 8.73 -14.75
N ALA B 191 28.71 7.76 -13.86
CA ALA B 191 29.68 6.73 -13.58
C ALA B 191 29.53 5.48 -14.44
N TYR B 192 28.40 5.31 -15.12
CA TYR B 192 28.06 4.01 -15.72
C TYR B 192 27.75 4.27 -17.17
N PRO B 193 28.46 3.65 -18.12
CA PRO B 193 28.25 4.00 -19.54
C PRO B 193 27.05 3.34 -20.22
N HIS B 194 26.42 2.37 -19.59
CA HIS B 194 25.44 1.55 -20.24
C HIS B 194 24.06 1.93 -19.76
N PRO B 195 23.01 1.55 -20.50
CA PRO B 195 21.64 1.71 -19.99
C PRO B 195 21.40 0.81 -18.78
N PHE B 196 20.45 1.20 -17.94
CA PHE B 196 20.15 0.49 -16.70
C PHE B 196 18.68 0.68 -16.39
N GLY B 197 18.18 -0.10 -15.44
CA GLY B 197 16.81 0.06 -14.98
C GLY B 197 16.78 0.50 -13.52
N VAL B 198 15.57 0.84 -13.05
CA VAL B 198 15.37 1.32 -11.68
C VAL B 198 14.22 0.57 -11.04
N LYS B 199 14.42 0.06 -9.83
CA LYS B 199 13.36 -0.59 -9.07
C LYS B 199 12.69 0.48 -8.20
N MET B 200 11.41 0.71 -8.42
CA MET B 200 10.68 1.83 -7.83
C MET B 200 9.76 1.38 -6.72
N PRO B 201 9.57 2.23 -5.71
CA PRO B 201 8.56 1.98 -4.69
C PRO B 201 7.20 2.32 -5.26
N PRO B 202 6.10 1.84 -4.63
CA PRO B 202 4.76 2.25 -5.08
C PRO B 202 4.46 3.69 -4.75
N TYR B 203 3.73 4.35 -5.65
CA TYR B 203 3.13 5.64 -5.36
C TYR B 203 1.62 5.48 -5.37
N PHE B 204 0.94 6.47 -4.78
CA PHE B 204 -0.49 6.41 -4.45
C PHE B 204 -1.26 7.64 -4.87
N ASP B 205 -0.68 8.47 -5.70
CA ASP B 205 -1.42 9.62 -6.22
C ASP B 205 -0.74 10.10 -7.49
N PHE B 206 -1.56 10.73 -8.37
CA PHE B 206 -1.09 11.09 -9.70
C PHE B 206 -0.02 12.18 -9.65
N ALA B 207 -0.04 13.05 -8.62
CA ALA B 207 1.00 14.05 -8.50
C ALA B 207 2.36 13.40 -8.38
N HIS B 208 2.45 12.33 -7.60
CA HIS B 208 3.71 11.62 -7.47
C HIS B 208 4.08 10.82 -8.72
N PHE B 209 3.10 10.15 -9.35
CA PHE B 209 3.39 9.50 -10.62
C PHE B 209 3.99 10.51 -11.58
N ASP B 210 3.38 11.70 -11.68
CA ASP B 210 3.85 12.67 -12.65
C ASP B 210 5.25 13.17 -12.31
N ALA B 211 5.51 13.45 -11.01
CA ALA B 211 6.82 13.97 -10.62
C ALA B 211 7.90 12.93 -10.86
N ALA B 212 7.61 11.67 -10.54
CA ALA B 212 8.61 10.61 -10.73
C ALA B 212 8.88 10.42 -12.21
N ALA B 213 7.81 10.40 -13.01
CA ALA B 213 8.00 10.19 -14.45
C ALA B 213 8.79 11.31 -15.07
N GLU B 214 8.52 12.55 -14.66
CA GLU B 214 9.20 13.70 -15.21
C GLU B 214 10.70 13.57 -14.97
N ILE B 215 11.10 13.05 -13.82
CA ILE B 215 12.51 12.87 -13.52
C ILE B 215 13.10 11.74 -14.37
N LEU B 216 12.42 10.58 -14.38
CA LEU B 216 12.95 9.44 -15.14
C LEU B 216 13.11 9.76 -16.62
N ASN B 217 12.21 10.55 -17.19
CA ASN B 217 12.27 10.86 -18.61
C ASN B 217 13.43 11.77 -18.95
N GLN B 218 14.10 12.37 -17.96
CA GLN B 218 15.25 13.23 -18.20
C GLN B 218 16.56 12.46 -18.20
N PHE B 219 16.52 11.15 -17.96
CA PHE B 219 17.71 10.30 -17.89
C PHE B 219 17.66 9.27 -18.99
N PRO B 220 18.34 9.51 -20.10
CA PRO B 220 18.19 8.61 -21.26
C PRO B 220 18.73 7.22 -21.00
N LYS B 221 19.66 7.08 -20.06
CA LYS B 221 20.15 5.74 -19.76
C LYS B 221 19.17 4.89 -18.95
N VAL B 222 18.11 5.46 -18.38
CA VAL B 222 17.13 4.64 -17.68
C VAL B 222 16.27 4.00 -18.75
N GLN B 223 16.46 2.71 -18.97
CA GLN B 223 15.79 1.99 -20.05
C GLN B 223 14.61 1.17 -19.58
N PHE B 224 14.52 0.87 -18.28
CA PHE B 224 13.37 0.15 -17.78
C PHE B 224 13.12 0.60 -16.35
N ILE B 225 11.86 0.42 -15.95
CA ILE B 225 11.33 0.85 -14.67
C ILE B 225 10.61 -0.37 -14.11
N THR B 226 11.05 -0.87 -12.94
CA THR B 226 10.40 -2.03 -12.31
C THR B 226 9.44 -1.54 -11.23
N CYS B 227 8.14 -1.80 -11.42
CA CYS B 227 7.07 -1.39 -10.52
C CYS B 227 6.42 -2.68 -10.06
N ILE B 228 6.49 -3.06 -8.76
CA ILE B 228 6.93 -2.27 -7.60
C ILE B 228 7.79 -3.12 -6.64
N ASN B 229 8.56 -2.42 -5.82
CA ASN B 229 9.06 -2.98 -4.57
C ASN B 229 7.88 -3.14 -3.59
N SER B 230 8.17 -3.71 -2.43
N SER B 230 8.19 -3.71 -2.42
CA SER B 230 7.16 -3.96 -1.42
CA SER B 230 7.19 -3.95 -1.39
C SER B 230 6.48 -2.67 -0.97
C SER B 230 6.48 -2.67 -1.01
N ILE B 231 5.25 -2.81 -0.51
CA ILE B 231 4.53 -1.71 0.11
C ILE B 231 5.14 -1.54 1.50
N GLY B 232 5.76 -0.41 1.74
CA GLY B 232 6.61 -0.28 2.90
C GLY B 232 5.85 -0.14 4.21
N ASN B 233 6.49 -0.65 5.27
CA ASN B 233 6.11 -0.36 6.64
C ASN B 233 4.67 -0.71 6.96
N GLY B 234 4.24 -1.90 6.51
CA GLY B 234 3.09 -2.54 7.12
C GLY B 234 3.45 -3.13 8.47
N LEU B 235 2.43 -3.64 9.15
CA LEU B 235 2.61 -4.17 10.50
C LEU B 235 1.65 -5.33 10.67
N VAL B 236 2.14 -6.43 11.21
N VAL B 236 2.17 -6.44 11.20
CA VAL B 236 1.25 -7.53 11.55
CA VAL B 236 1.37 -7.62 11.53
C VAL B 236 1.54 -8.00 12.96
C VAL B 236 1.59 -8.00 12.99
N ILE B 237 0.48 -8.35 13.66
CA ILE B 237 0.47 -8.75 15.06
C ILE B 237 -0.23 -10.10 15.14
N ASP B 238 0.33 -11.01 15.93
CA ASP B 238 -0.25 -12.33 16.16
C ASP B 238 -1.28 -12.27 17.28
N VAL B 239 -2.46 -12.84 17.02
CA VAL B 239 -3.52 -12.80 18.03
C VAL B 239 -3.08 -13.48 19.32
N GLU B 240 -2.48 -14.68 19.20
CA GLU B 240 -2.20 -15.49 20.39
C GLU B 240 -1.14 -14.84 21.26
N THR B 241 -0.02 -14.43 20.66
CA THR B 241 1.10 -13.87 21.42
C THR B 241 0.91 -12.38 21.70
N GLU B 242 0.01 -11.72 20.97
CA GLU B 242 -0.20 -10.29 21.08
C GLU B 242 1.09 -9.52 20.74
N SER B 243 1.96 -10.14 19.95
CA SER B 243 3.24 -9.56 19.58
C SER B 243 3.38 -9.42 18.07
N VAL B 244 4.27 -8.51 17.68
CA VAL B 244 4.65 -8.39 16.27
C VAL B 244 5.32 -9.69 15.84
N VAL B 245 5.29 -9.95 14.53
CA VAL B 245 5.72 -11.25 14.03
C VAL B 245 7.11 -11.21 13.40
N ILE B 246 7.68 -10.03 13.20
CA ILE B 246 9.08 -9.87 12.81
C ILE B 246 9.73 -8.92 13.81
N LYS B 247 11.01 -9.10 14.02
CA LYS B 247 11.66 -8.47 15.16
C LYS B 247 12.11 -7.04 14.92
N PRO B 248 12.76 -6.74 13.80
CA PRO B 248 13.34 -5.41 13.66
C PRO B 248 12.27 -4.31 13.58
N LYS B 249 12.70 -3.08 13.89
CA LYS B 249 11.91 -1.88 13.61
C LYS B 249 10.49 -1.95 14.16
N GLN B 250 10.35 -2.43 15.41
CA GLN B 250 9.05 -2.48 16.11
C GLN B 250 8.03 -3.31 15.31
N GLY B 251 8.53 -4.23 14.48
CA GLY B 251 7.63 -5.09 13.71
C GLY B 251 7.20 -4.58 12.35
N PHE B 252 7.60 -3.37 11.97
CA PHE B 252 7.21 -2.82 10.68
C PHE B 252 8.09 -3.41 9.58
N GLY B 253 7.47 -3.72 8.45
CA GLY B 253 8.20 -4.32 7.35
C GLY B 253 7.44 -4.20 6.04
N GLY B 254 8.12 -4.61 4.98
CA GLY B 254 7.57 -4.45 3.62
C GLY B 254 6.66 -5.59 3.26
N LEU B 255 5.53 -5.23 2.64
CA LEU B 255 4.49 -6.19 2.27
C LEU B 255 4.64 -6.64 0.83
N GLY B 256 4.51 -7.96 0.63
CA GLY B 256 4.47 -8.55 -0.70
C GLY B 256 3.29 -9.51 -0.82
N GLY B 257 3.07 -9.96 -2.06
CA GLY B 257 2.04 -10.94 -2.28
C GLY B 257 0.71 -10.34 -2.70
N ARG B 258 -0.37 -11.05 -2.36
CA ARG B 258 -1.67 -10.67 -2.89
C ARG B 258 -2.10 -9.28 -2.41
N TYR B 259 -1.65 -8.86 -1.22
CA TYR B 259 -1.98 -7.53 -0.71
C TYR B 259 -1.65 -6.43 -1.71
N VAL B 260 -0.60 -6.61 -2.53
CA VAL B 260 0.00 -5.52 -3.29
C VAL B 260 -0.45 -5.49 -4.75
N PHE B 261 -1.23 -6.46 -5.19
CA PHE B 261 -1.49 -6.59 -6.64
C PHE B 261 -2.16 -5.38 -7.25
N PRO B 262 -3.28 -4.85 -6.73
CA PRO B 262 -3.88 -3.69 -7.38
C PRO B 262 -2.97 -2.49 -7.37
N THR B 263 -2.16 -2.32 -6.31
CA THR B 263 -1.21 -1.23 -6.29
C THR B 263 -0.14 -1.42 -7.36
N ALA B 264 0.36 -2.66 -7.49
CA ALA B 264 1.37 -2.95 -8.50
C ALA B 264 0.85 -2.65 -9.90
N LEU B 265 -0.37 -3.13 -10.22
CA LEU B 265 -0.92 -2.90 -11.56
C LEU B 265 -1.06 -1.41 -11.81
N ALA B 266 -1.53 -0.66 -10.80
CA ALA B 266 -1.67 0.79 -10.95
C ALA B 266 -0.35 1.45 -11.29
N ASN B 267 0.71 1.04 -10.59
CA ASN B 267 2.01 1.64 -10.83
C ASN B 267 2.55 1.27 -12.20
N VAL B 268 2.43 -0.01 -12.58
CA VAL B 268 2.84 -0.43 -13.92
C VAL B 268 2.13 0.42 -14.98
N ASN B 269 0.83 0.57 -14.85
CA ASN B 269 0.12 1.28 -15.90
C ASN B 269 0.42 2.77 -15.87
N ALA B 270 0.51 3.35 -14.69
CA ALA B 270 0.78 4.77 -14.60
C ALA B 270 2.11 5.14 -15.24
N PHE B 271 3.17 4.35 -14.98
CA PHE B 271 4.45 4.60 -15.64
C PHE B 271 4.45 4.17 -17.10
N TYR B 272 3.72 3.12 -17.45
CA TYR B 272 3.62 2.77 -18.87
C TYR B 272 3.07 3.96 -19.67
N ARG B 273 2.03 4.62 -19.16
CA ARG B 273 1.45 5.77 -19.83
C ARG B 273 2.40 6.97 -19.86
N ARG B 274 3.12 7.21 -18.74
CA ARG B 274 3.91 8.42 -18.62
C ARG B 274 5.34 8.34 -19.15
N CYS B 275 5.87 7.13 -19.34
CA CYS B 275 7.25 6.92 -19.80
C CYS B 275 7.24 5.98 -21.01
N PRO B 276 6.64 6.42 -22.12
CA PRO B 276 6.56 5.54 -23.29
C PRO B 276 7.89 5.22 -23.91
N GLY B 277 8.95 5.98 -23.56
CA GLY B 277 10.28 5.71 -24.06
C GLY B 277 11.03 4.66 -23.28
N LYS B 278 10.43 4.12 -22.22
CA LYS B 278 11.08 3.16 -21.34
C LYS B 278 10.24 1.90 -21.28
N LEU B 279 10.88 0.79 -20.99
CA LEU B 279 10.15 -0.43 -20.68
C LEU B 279 9.70 -0.40 -19.22
N ILE B 280 8.55 -1.00 -18.95
CA ILE B 280 8.08 -1.24 -17.59
C ILE B 280 8.17 -2.73 -17.29
N PHE B 281 8.74 -3.08 -16.13
CA PHE B 281 8.71 -4.45 -15.63
C PHE B 281 7.73 -4.49 -14.47
N GLY B 282 6.83 -5.47 -14.49
CA GLY B 282 5.85 -5.57 -13.44
C GLY B 282 6.33 -6.52 -12.35
N CYS B 283 6.06 -6.13 -11.11
CA CYS B 283 6.38 -6.94 -9.93
C CYS B 283 5.34 -6.68 -8.89
N GLY B 284 4.75 -7.73 -8.37
CA GLY B 284 3.84 -7.62 -7.23
C GLY B 284 2.62 -8.48 -7.42
N GLY B 285 2.39 -9.37 -6.49
CA GLY B 285 1.15 -10.10 -6.45
C GLY B 285 0.97 -11.20 -7.46
N VAL B 286 2.02 -11.59 -8.18
CA VAL B 286 1.83 -12.62 -9.21
C VAL B 286 1.82 -14.01 -8.58
N TYR B 287 0.69 -14.68 -8.68
CA TYR B 287 0.54 -16.07 -8.29
C TYR B 287 0.02 -16.96 -9.39
N THR B 288 -0.56 -16.40 -10.46
CA THR B 288 -1.13 -17.21 -11.52
C THR B 288 -0.82 -16.55 -12.86
N GLY B 289 -1.06 -17.33 -13.92
CA GLY B 289 -0.89 -16.80 -15.27
C GLY B 289 -1.86 -15.71 -15.58
N GLU B 290 -3.05 -15.76 -14.99
CA GLU B 290 -3.99 -14.64 -15.10
C GLU B 290 -3.43 -13.36 -14.48
N ASP B 291 -2.79 -13.46 -13.30
CA ASP B 291 -2.17 -12.27 -12.74
C ASP B 291 -1.12 -11.70 -13.68
N ALA B 292 -0.27 -12.58 -14.25
CA ALA B 292 0.74 -12.14 -15.20
C ALA B 292 0.11 -11.47 -16.42
N PHE B 293 -0.97 -12.07 -16.94
CA PHE B 293 -1.68 -11.52 -18.08
C PHE B 293 -2.08 -10.07 -17.81
N LEU B 294 -2.61 -9.82 -16.62
CA LEU B 294 -3.04 -8.46 -16.28
C LEU B 294 -1.86 -7.51 -16.15
N HIS B 295 -0.72 -7.95 -15.58
CA HIS B 295 0.47 -7.10 -15.61
C HIS B 295 0.82 -6.71 -17.03
N VAL B 296 0.85 -7.70 -17.94
CA VAL B 296 1.21 -7.40 -19.34
C VAL B 296 0.17 -6.47 -19.98
N LEU B 297 -1.11 -6.72 -19.76
CA LEU B 297 -2.16 -5.83 -20.29
C LEU B 297 -1.97 -4.41 -19.78
N ALA B 298 -1.49 -4.22 -18.54
CA ALA B 298 -1.25 -2.90 -17.99
C ALA B 298 0.01 -2.24 -18.55
N GLY B 299 0.88 -3.02 -19.20
CA GLY B 299 2.07 -2.50 -19.83
C GLY B 299 3.36 -3.25 -19.56
N ALA B 300 3.36 -4.27 -18.69
CA ALA B 300 4.60 -4.94 -18.34
C ALA B 300 5.25 -5.67 -19.50
N SER B 301 6.57 -5.46 -19.66
N SER B 301 6.56 -5.50 -19.62
CA SER B 301 7.38 -6.25 -20.59
CA SER B 301 7.42 -6.20 -20.58
C SER B 301 7.82 -7.56 -19.95
C SER B 301 7.93 -7.51 -20.01
N MET B 302 8.51 -7.48 -18.81
CA MET B 302 8.84 -8.65 -18.00
C MET B 302 7.94 -8.65 -16.77
N VAL B 303 7.79 -9.81 -16.15
CA VAL B 303 6.96 -10.03 -14.97
C VAL B 303 7.78 -10.76 -13.92
N GLN B 304 8.01 -10.11 -12.79
CA GLN B 304 8.80 -10.65 -11.70
C GLN B 304 7.90 -11.25 -10.63
N VAL B 305 8.42 -12.28 -9.98
CA VAL B 305 7.68 -13.10 -9.03
C VAL B 305 8.50 -13.21 -7.75
N GLY B 306 7.92 -12.68 -6.63
CA GLY B 306 8.64 -12.70 -5.36
C GLY B 306 8.05 -13.69 -4.37
N THR B 307 7.07 -13.24 -3.57
CA THR B 307 6.49 -14.06 -2.52
C THR B 307 6.05 -15.43 -3.04
N ALA B 308 5.36 -15.48 -4.16
CA ALA B 308 4.88 -16.77 -4.65
C ALA B 308 6.03 -17.75 -4.95
N LEU B 309 7.13 -17.20 -5.47
CA LEU B 309 8.31 -18.03 -5.73
C LEU B 309 8.98 -18.48 -4.43
N HIS B 310 9.05 -17.59 -3.45
CA HIS B 310 9.56 -17.96 -2.13
C HIS B 310 8.82 -19.20 -1.60
N GLU B 311 7.50 -19.23 -1.82
CA GLU B 311 6.67 -20.30 -1.28
C GLU B 311 6.70 -21.58 -2.09
N GLU B 312 6.72 -21.47 -3.42
CA GLU B 312 6.54 -22.62 -4.30
C GLU B 312 7.83 -23.16 -4.87
N GLY B 313 8.87 -22.34 -4.97
CA GLY B 313 10.10 -22.73 -5.60
C GLY B 313 10.03 -22.57 -7.10
N ALA B 314 11.16 -22.88 -7.72
CA ALA B 314 11.32 -22.52 -9.13
C ALA B 314 10.44 -23.31 -10.11
N ALA B 315 9.80 -24.41 -9.67
CA ALA B 315 8.82 -25.05 -10.55
C ALA B 315 7.66 -24.12 -10.86
N ILE B 316 7.50 -23.03 -10.10
CA ILE B 316 6.39 -22.11 -10.35
C ILE B 316 6.43 -21.64 -11.79
N PHE B 317 7.63 -21.50 -12.36
CA PHE B 317 7.68 -20.92 -13.71
C PHE B 317 7.07 -21.86 -14.76
N GLU B 318 7.12 -23.17 -14.55
CA GLU B 318 6.42 -24.07 -15.45
C GLU B 318 4.92 -23.87 -15.40
N ARG B 319 4.41 -23.59 -14.21
CA ARG B 319 2.99 -23.38 -14.04
C ARG B 319 2.56 -22.04 -14.60
N LEU B 320 3.37 -21.00 -14.37
CA LEU B 320 2.98 -19.65 -14.82
C LEU B 320 2.98 -19.57 -16.35
N THR B 321 3.97 -20.16 -17.01
CA THR B 321 3.93 -20.14 -18.46
C THR B 321 2.72 -20.90 -19.00
N ALA B 322 2.43 -22.09 -18.44
CA ALA B 322 1.28 -22.86 -18.88
C ALA B 322 0.00 -22.08 -18.69
N GLU B 323 -0.15 -21.44 -17.54
CA GLU B 323 -1.38 -20.71 -17.27
C GLU B 323 -1.51 -19.49 -18.16
N LEU B 324 -0.42 -18.76 -18.40
CA LEU B 324 -0.48 -17.59 -19.27
C LEU B 324 -0.81 -17.99 -20.71
N LEU B 325 -0.20 -19.06 -21.19
CA LEU B 325 -0.55 -19.59 -22.51
C LEU B 325 -2.01 -20.01 -22.59
N ASP B 326 -2.57 -20.52 -21.51
CA ASP B 326 -3.98 -20.90 -21.51
C ASP B 326 -4.87 -19.68 -21.68
N VAL B 327 -4.54 -18.60 -20.99
CA VAL B 327 -5.33 -17.37 -21.11
C VAL B 327 -5.28 -16.90 -22.55
N MET B 328 -4.08 -16.90 -23.12
CA MET B 328 -3.89 -16.41 -24.48
C MET B 328 -4.64 -17.27 -25.48
N ALA B 329 -4.64 -18.60 -25.25
CA ALA B 329 -5.30 -19.48 -26.20
C ALA B 329 -6.80 -19.24 -26.23
N LYS B 330 -7.40 -19.05 -25.06
CA LYS B 330 -8.83 -18.79 -25.00
C LYS B 330 -9.17 -17.51 -25.72
N LYS B 331 -8.25 -16.57 -25.78
CA LYS B 331 -8.49 -15.27 -26.42
C LYS B 331 -7.98 -15.21 -27.86
N GLY B 332 -7.34 -16.26 -28.34
CA GLY B 332 -6.76 -16.26 -29.66
C GLY B 332 -5.50 -15.44 -29.85
N TYR B 333 -4.82 -15.04 -28.76
CA TYR B 333 -3.57 -14.31 -28.87
C TYR B 333 -2.41 -15.27 -29.15
N LYS B 334 -1.54 -14.87 -30.09
CA LYS B 334 -0.37 -15.63 -30.50
C LYS B 334 0.94 -15.03 -29.98
N ALA B 335 0.92 -13.78 -29.51
CA ALA B 335 2.15 -13.09 -29.11
C ALA B 335 1.76 -12.05 -28.06
N LEU B 336 2.69 -11.81 -27.12
CA LEU B 336 2.40 -10.87 -26.04
C LEU B 336 2.16 -9.44 -26.53
N ASP B 337 2.80 -9.06 -27.65
CA ASP B 337 2.54 -7.72 -28.19
C ASP B 337 1.14 -7.54 -28.76
N GLU B 338 0.37 -8.61 -28.93
CA GLU B 338 -1.00 -8.40 -29.33
C GLU B 338 -1.83 -7.73 -28.24
N PHE B 339 -1.43 -7.83 -26.96
CA PHE B 339 -2.20 -7.23 -25.88
C PHE B 339 -1.41 -6.43 -24.87
N ARG B 340 -0.09 -6.36 -24.94
CA ARG B 340 0.67 -5.63 -23.94
C ARG B 340 0.30 -4.16 -24.00
N GLY B 341 -0.05 -3.61 -22.83
CA GLY B 341 -0.45 -2.20 -22.73
C GLY B 341 -1.83 -1.88 -23.24
N LYS B 342 -2.60 -2.90 -23.61
CA LYS B 342 -3.88 -2.65 -24.25
C LYS B 342 -5.06 -2.73 -23.29
N VAL B 343 -4.82 -2.52 -22.00
CA VAL B 343 -5.95 -2.38 -21.08
C VAL B 343 -6.94 -1.37 -21.63
N LYS B 344 -8.23 -1.68 -21.51
CA LYS B 344 -9.29 -0.85 -22.08
C LYS B 344 -9.98 -0.04 -21.01
N ALA B 345 -10.48 1.13 -21.41
CA ALA B 345 -11.33 1.90 -20.54
C ALA B 345 -12.74 1.29 -20.46
N MET B 346 -13.54 1.81 -19.54
CA MET B 346 -14.95 1.47 -19.50
C MET B 346 -15.78 2.62 -20.10
N1 FMN C . -13.90 7.54 3.57
C2 FMN C . -14.16 8.84 3.92
O2 FMN C . -13.47 9.36 4.81
N3 FMN C . -15.22 9.52 3.36
C4 FMN C . -16.02 8.91 2.41
O4 FMN C . -16.98 9.54 1.91
C4A FMN C . -15.75 7.58 2.05
N5 FMN C . -16.51 6.95 1.08
C5A FMN C . -16.25 5.63 0.81
C6 FMN C . -17.07 4.97 -0.11
C7 FMN C . -16.84 3.66 -0.37
C7M FMN C . -17.77 2.97 -1.37
C8 FMN C . -15.78 2.97 0.23
C8M FMN C . -15.49 1.54 -0.05
C9 FMN C . -14.96 3.61 1.17
C9A FMN C . -15.18 4.94 1.41
N10 FMN C . -14.37 5.60 2.32
C10 FMN C . -14.66 6.92 2.61
C1' FMN C . -13.26 4.94 3.01
C2' FMN C . -13.65 4.06 4.10
O2' FMN C . -14.20 4.98 5.10
C3' FMN C . -12.50 3.30 4.72
O3' FMN C . -11.53 4.26 5.12
C4' FMN C . -11.83 2.31 3.74
O4' FMN C . -12.87 1.69 2.96
C5' FMN C . -11.02 1.30 4.49
O5' FMN C . -11.80 0.52 5.36
P FMN C . -12.23 -1.01 4.99
O1P FMN C . -13.02 -1.52 6.16
O2P FMN C . -13.06 -0.86 3.73
O3P FMN C . -10.97 -1.84 4.77
HN3 FMN C . -15.42 10.50 3.64
H6 FMN C . -17.88 5.51 -0.62
HM71 FMN C . -17.81 1.89 -1.15
HM72 FMN C . -17.40 3.12 -2.38
HM73 FMN C . -18.77 3.38 -1.29
HM81 FMN C . -14.68 1.19 0.58
HM82 FMN C . -15.21 1.42 -1.10
HM83 FMN C . -16.39 0.94 0.14
H9 FMN C . -14.18 3.07 1.68
H1'1 FMN C . -12.59 5.71 3.40
H1'2 FMN C . -12.69 4.36 2.28
H2' FMN C . -14.34 3.28 3.75
HO2' FMN C . -14.84 4.51 5.67
H3' FMN C . -12.88 2.71 5.55
HO3' FMN C . -10.63 3.88 5.03
H4' FMN C . -11.15 2.83 3.06
HO4' FMN C . -12.97 0.75 3.23
H5'1 FMN C . -10.26 1.83 5.08
H5'2 FMN C . -10.50 0.66 3.79
C1 GOL D . -7.94 24.59 -0.26
O1 GOL D . -8.15 24.48 -1.70
C2 GOL D . -6.57 25.31 -0.10
O2 GOL D . -6.46 25.58 -1.49
C3 GOL D . -6.79 26.28 1.05
O3 GOL D . -5.56 26.15 1.75
H11 GOL D . -7.92 23.72 0.18
H12 GOL D . -8.64 25.10 0.19
HO1 GOL D . -7.42 24.21 -2.04
H2 GOL D . -5.72 24.96 0.22
HO2 GOL D . -6.97 26.25 -1.67
H31 GOL D . -7.56 26.04 1.59
H32 GOL D . -6.95 27.18 0.73
HO3 GOL D . -5.57 26.67 2.42
C11 A1BWJ E . -12.75 8.99 0.43
C17 A1BWJ E . -16.21 13.48 -0.30
C18 A1BWJ E . -17.28 12.96 -1.02
C15 A1BWJ E . -14.84 11.63 -0.98
C16 A1BWJ E . -15.00 12.81 -0.28
C19 A1BWJ E . -17.12 11.77 -1.71
C05 A1BWJ E . -13.47 10.92 -0.87
C06 A1BWJ E . -13.63 9.38 -0.73
C07 A1BWJ E . -13.90 8.43 -1.89
C09 A1BWJ E . -12.68 6.59 -0.48
C21 A1BWJ E . -15.90 11.09 -1.68
N08 A1BWJ E . -13.48 7.10 -1.57
N10 A1BWJ E . -12.39 7.60 0.49
O12 A1BWJ E . -12.47 9.76 1.29
O13 A1BWJ E . -12.35 5.46 -0.39
O14 A1BWJ E . -14.55 8.62 -2.86
O20 A1BWJ E . -18.19 11.24 -2.44
N1 FMN F . 13.48 -6.01 -3.68
C2 FMN F . 14.66 -5.52 -4.15
O2 FMN F . 14.69 -4.71 -5.12
N3 FMN F . 15.85 -5.97 -3.63
C4 FMN F . 15.83 -6.91 -2.62
O4 FMN F . 16.95 -7.34 -2.25
C4A FMN F . 14.65 -7.39 -2.14
N5 FMN F . 14.65 -8.34 -1.11
C5A FMN F . 13.45 -8.94 -0.81
C6 FMN F . 13.43 -9.99 0.11
C7 FMN F . 12.24 -10.58 0.43
C7M FMN F . 12.24 -11.70 1.46
C8 FMN F . 11.05 -10.19 -0.16
C8M FMN F . 9.77 -10.86 0.22
C9 FMN F . 11.10 -9.16 -1.07
C9A FMN F . 12.27 -8.52 -1.39
N10 FMN F . 12.28 -7.48 -2.30
C10 FMN F . 13.45 -6.96 -2.71
C1' FMN F . 10.99 -7.01 -2.94
C2' FMN F . 10.59 -7.89 -4.08
O2' FMN F . 11.54 -7.81 -5.13
C3' FMN F . 9.23 -7.44 -4.61
O3' FMN F . 9.41 -6.14 -5.13
C4' FMN F . 8.10 -7.57 -3.62
O4' FMN F . 8.24 -8.71 -2.81
C5' FMN F . 6.76 -7.59 -4.37
O5' FMN F . 6.59 -8.77 -5.21
P FMN F . 5.70 -9.96 -4.71
O1P FMN F . 6.34 -10.57 -3.46
O2P FMN F . 4.33 -9.49 -4.48
O3P FMN F . 5.75 -10.98 -5.83
HN3 FMN F . 16.75 -5.61 -4.00
H6 FMN F . 14.35 -10.33 0.57
HM71 FMN F . 11.60 -12.52 1.09
HM72 FMN F . 11.84 -11.32 2.40
HM73 FMN F . 13.25 -12.07 1.60
HM81 FMN F . 8.94 -10.36 -0.28
HM82 FMN F . 9.63 -10.79 1.29
HM83 FMN F . 9.81 -11.91 -0.07
H9 FMN F . 10.17 -8.82 -1.55
H1'1 FMN F . 11.12 -5.99 -3.31
H1'2 FMN F . 10.19 -7.00 -2.20
H2' FMN F . 10.54 -8.92 -3.72
HO2' FMN F . 11.59 -8.67 -5.60
H3' FMN F . 8.90 -8.10 -5.41
HO3' FMN F . 8.59 -5.62 -5.01
H4' FMN F . 8.10 -6.72 -2.94
HO4' FMN F . 7.61 -9.40 -3.09
H5'1 FMN F . 6.70 -6.70 -5.00
H5'2 FMN F . 5.94 -7.54 -3.65
C1 GOL G . 11.91 5.56 7.25
O1 GOL G . 10.93 4.56 7.28
C2 GOL G . 13.03 5.34 8.31
O2 GOL G . 13.24 6.70 8.69
C3 GOL G . 12.69 4.35 9.42
O3 GOL G . 13.55 4.40 10.59
H11 GOL G . 11.51 6.42 7.41
H12 GOL G . 12.34 5.59 6.38
HO1 GOL G . 11.29 3.82 7.06
H2 GOL G . 13.81 4.89 7.98
HO2 GOL G . 13.14 6.75 9.53
H31 GOL G . 12.72 3.46 9.04
H32 GOL G . 11.78 4.52 9.69
HO3 GOL G . 14.25 4.84 10.40
C1 GOL H . 22.22 8.75 0.35
O1 GOL H . 20.80 8.94 0.37
C2 GOL H . 22.99 10.09 0.31
O2 GOL H . 24.14 10.14 1.12
C3 GOL H . 23.25 10.35 -1.25
O3 GOL H . 24.49 9.86 -1.84
H11 GOL H . 22.49 8.22 -0.42
H12 GOL H . 22.51 8.26 1.14
HO1 GOL H . 20.61 9.55 -0.18
H2 GOL H . 22.44 10.79 0.70
HO2 GOL H . 24.71 9.60 0.78
H31 GOL H . 23.20 11.32 -1.37
H32 GOL H . 22.50 9.97 -1.72
HO3 GOL H . 25.15 10.28 -1.49
C1 GOL I . 6.43 12.94 -1.30
O1 GOL I . 6.94 11.71 -1.04
C2 GOL I . 6.54 14.18 -0.39
O2 GOL I . 5.80 14.91 -1.41
C3 GOL I . 5.98 14.09 1.00
O3 GOL I . 5.76 15.38 1.51
H11 GOL I . 5.46 12.84 -1.43
H12 GOL I . 6.79 13.24 -2.14
HO1 GOL I . 7.73 11.81 -0.75
H2 GOL I . 7.40 14.48 -0.07
HO2 GOL I . 5.16 15.32 -1.03
H31 GOL I . 6.61 13.60 1.57
H32 GOL I . 5.16 13.57 0.99
HO3 GOL I . 6.25 15.92 1.08
C11 A1BWJ J . 14.28 -5.18 1.84
C17 A1BWJ J . 19.67 -2.80 0.53
C18 A1BWJ J . 20.21 -4.04 0.30
C15 A1BWJ J . 17.49 -3.83 0.55
C16 A1BWJ J . 18.30 -2.71 0.64
C19 A1BWJ J . 19.41 -5.16 0.17
C05 A1BWJ J . 16.00 -3.45 0.62
C06 A1BWJ J . 14.86 -4.49 0.60
C07 A1BWJ J . 14.04 -4.12 -0.63
C09 A1BWJ J . 12.13 -5.49 0.44
C21 A1BWJ J . 18.02 -5.08 0.27
N08 A1BWJ J . 12.73 -4.70 -0.59
N10 A1BWJ J . 12.99 -5.71 1.56
O12 A1BWJ J . 14.82 -5.47 2.87
O13 A1BWJ J . 11.00 -5.91 0.39
O14 A1BWJ J . 14.44 -3.46 -1.57
O20 A1BWJ J . 20.05 -6.36 -0.03
#